data_5TQM
#
_entry.id   5TQM
#
_cell.length_a   72.231
_cell.length_b   72.231
_cell.length_c   123.055
_cell.angle_alpha   90.00
_cell.angle_beta   90.00
_cell.angle_gamma   120.00
#
_symmetry.space_group_name_H-M   'P 32'
#
loop_
_entity.id
_entity.type
_entity.pdbx_description
1 polymer 'Cinnamoyl-CoA Reductase'
2 non-polymer 'NADP NICOTINAMIDE-ADENINE-DINUCLEOTIDE PHOSPHATE'
3 non-polymer GLYCEROL
4 non-polymer 2,3-DIHYDROXY-1,4-DITHIOBUTANE
#
_entity_poly.entity_id   1
_entity_poly.type   'polypeptide(L)'
_entity_poly.pdbx_seq_one_letter_code
;HHHHHHMTVVDAVSTDAAGAAPAAAAAPVVVAQPGNGQTVCVTGAAGYIASWLVKMLLEKGYTVKGTVRNPDDPKNAHLK
ALDGAAERLILCKADLLDYDAICRAVQGCQGVFHTASPVTDDPEQMVEPAVRGTEYVINAAAEAGTVRRVVFTSSIGAVT
MDPSRGPDVVVDESCWSDLEFCKKTRNWYCYGKAVAEQAAWDAARQRGVDLVVVNPVLVVGPLLQPTVNASIAHVLKYLD
GSARTFANAVQAYVDVRDVADAHLRVFESPAASGRYLCAERVLHREDVVRILAKLFPEYPVPTRCSDEVNPRKQPYKFSN
QKLRDLGLEFRPVSQSLYDTVKNLQEKGHLPVLGEQTTEADKEEANAAAEVQQGGIAIRA
;
_entity_poly.pdbx_strand_id   A,B
#
loop_
_chem_comp.id
_chem_comp.type
_chem_comp.name
_chem_comp.formula
DTT non-polymer 2,3-DIHYDROXY-1,4-DITHIOBUTANE 'C4 H10 O2 S2'
GOL non-polymer GLYCEROL 'C3 H8 O3'
NAP non-polymer 'NADP NICOTINAMIDE-ADENINE-DINUCLEOTIDE PHOSPHATE' 'C21 H28 N7 O17 P3'
#
# COMPACT_ATOMS: atom_id res chain seq x y z
N GLY A 37 -38.68 -11.46 -2.37
CA GLY A 37 -38.36 -11.13 -3.74
C GLY A 37 -38.23 -9.62 -3.97
N GLN A 38 -37.16 -9.04 -3.43
CA GLN A 38 -36.90 -7.61 -3.59
C GLN A 38 -35.62 -7.37 -4.39
N THR A 39 -35.32 -6.10 -4.64
CA THR A 39 -34.15 -5.72 -5.41
C THR A 39 -33.25 -4.79 -4.59
N VAL A 40 -31.96 -5.07 -4.58
CA VAL A 40 -30.99 -4.31 -3.79
C VAL A 40 -29.73 -3.99 -4.59
N CYS A 41 -29.02 -2.95 -4.17
CA CYS A 41 -27.77 -2.53 -4.81
C CYS A 41 -26.59 -2.74 -3.89
N VAL A 42 -25.48 -3.20 -4.46
CA VAL A 42 -24.24 -3.42 -3.71
C VAL A 42 -23.08 -2.84 -4.49
N THR A 43 -22.44 -1.82 -3.93
CA THR A 43 -21.36 -1.14 -4.61
C THR A 43 -20.03 -1.84 -4.37
N GLY A 44 -19.22 -1.94 -5.42
CA GLY A 44 -17.96 -2.66 -5.34
C GLY A 44 -18.23 -4.12 -5.04
N ALA A 45 -19.18 -4.69 -5.80
CA ALA A 45 -19.75 -6.00 -5.49
C ALA A 45 -18.74 -7.14 -5.53
N ALA A 46 -17.59 -6.92 -6.18
CA ALA A 46 -16.58 -7.96 -6.33
C ALA A 46 -15.39 -7.71 -5.40
N GLY A 47 -15.67 -7.09 -4.25
CA GLY A 47 -14.67 -6.87 -3.24
C GLY A 47 -14.59 -8.04 -2.29
N TYR A 48 -13.68 -7.96 -1.33
CA TYR A 48 -13.49 -9.04 -0.35
C TYR A 48 -14.75 -9.28 0.47
N ILE A 49 -15.21 -8.25 1.16
CA ILE A 49 -16.41 -8.34 1.99
C ILE A 49 -17.68 -8.35 1.14
N ALA A 50 -17.63 -7.67 -0.01
CA ALA A 50 -18.80 -7.53 -0.86
C ALA A 50 -19.19 -8.85 -1.54
N SER A 51 -18.21 -9.54 -2.10
CA SER A 51 -18.45 -10.78 -2.81
C SER A 51 -19.22 -11.79 -1.96
N TRP A 52 -19.01 -11.73 -0.65
CA TRP A 52 -19.74 -12.58 0.28
C TRP A 52 -21.15 -12.05 0.52
N LEU A 53 -21.33 -10.75 0.41
CA LEU A 53 -22.64 -10.13 0.60
C LEU A 53 -23.58 -10.53 -0.53
N VAL A 54 -23.04 -10.59 -1.75
CA VAL A 54 -23.81 -10.97 -2.92
C VAL A 54 -24.28 -12.41 -2.82
N LYS A 55 -23.38 -13.30 -2.40
CA LYS A 55 -23.71 -14.71 -2.27
C LYS A 55 -24.91 -14.92 -1.34
N MET A 56 -24.84 -14.30 -0.17
CA MET A 56 -25.91 -14.42 0.81
C MET A 56 -27.21 -13.82 0.30
N LEU A 57 -27.11 -12.67 -0.36
CA LEU A 57 -28.27 -12.02 -0.94
C LEU A 57 -28.91 -12.89 -2.02
N LEU A 58 -28.10 -13.30 -3.00
CA LEU A 58 -28.59 -14.12 -4.09
C LEU A 58 -29.26 -15.42 -3.60
N GLU A 59 -28.82 -15.90 -2.44
CA GLU A 59 -29.32 -17.16 -1.90
C GLU A 59 -30.68 -17.03 -1.23
N LYS A 60 -31.12 -15.80 -0.97
CA LYS A 60 -32.39 -15.55 -0.31
C LYS A 60 -33.41 -14.91 -1.24
N GLY A 61 -33.22 -15.06 -2.54
CA GLY A 61 -34.17 -14.59 -3.53
C GLY A 61 -34.15 -13.09 -3.74
N TYR A 62 -32.98 -12.49 -3.55
CA TYR A 62 -32.80 -11.06 -3.80
C TYR A 62 -32.23 -10.80 -5.18
N THR A 63 -32.74 -9.77 -5.86
CA THR A 63 -32.13 -9.28 -7.08
C THR A 63 -31.02 -8.30 -6.69
N VAL A 64 -29.79 -8.63 -7.08
CA VAL A 64 -28.64 -7.84 -6.67
C VAL A 64 -28.04 -7.09 -7.85
N LYS A 65 -28.08 -5.77 -7.79
CA LYS A 65 -27.40 -4.92 -8.77
C LYS A 65 -26.01 -4.60 -8.25
N GLY A 66 -24.99 -5.15 -8.92
CA GLY A 66 -23.62 -5.03 -8.46
C GLY A 66 -22.83 -4.00 -9.25
N THR A 67 -22.46 -2.90 -8.59
CA THR A 67 -21.70 -1.85 -9.26
C THR A 67 -20.23 -2.22 -9.29
N VAL A 68 -19.66 -2.26 -10.49
CA VAL A 68 -18.24 -2.48 -10.66
C VAL A 68 -17.72 -1.58 -11.78
N ARG A 69 -16.42 -1.32 -11.77
CA ARG A 69 -15.78 -0.49 -12.79
C ARG A 69 -16.04 -0.99 -14.20
N ASN A 70 -15.95 -2.30 -14.39
CA ASN A 70 -16.13 -2.91 -15.71
C ASN A 70 -16.76 -4.30 -15.62
N PRO A 71 -18.10 -4.37 -15.76
CA PRO A 71 -18.87 -5.63 -15.61
C PRO A 71 -18.30 -6.84 -16.36
N ASP A 72 -17.48 -6.61 -17.38
CA ASP A 72 -16.95 -7.71 -18.19
C ASP A 72 -15.44 -7.88 -18.04
N ASP A 73 -14.88 -7.30 -16.98
CA ASP A 73 -13.48 -7.55 -16.63
C ASP A 73 -13.38 -8.88 -15.87
N PRO A 74 -12.27 -9.62 -16.06
CA PRO A 74 -12.14 -10.92 -15.38
C PRO A 74 -12.25 -10.86 -13.85
N LYS A 75 -11.99 -9.69 -13.25
CA LYS A 75 -12.07 -9.53 -11.81
C LYS A 75 -13.42 -9.94 -11.23
N ASN A 76 -14.45 -9.91 -12.06
CA ASN A 76 -15.82 -10.18 -11.62
C ASN A 76 -16.29 -11.58 -12.02
N ALA A 77 -15.38 -12.39 -12.53
CA ALA A 77 -15.69 -13.75 -12.97
C ALA A 77 -16.24 -14.58 -11.81
N HIS A 78 -15.86 -14.22 -10.59
CA HIS A 78 -16.25 -14.98 -9.40
C HIS A 78 -17.60 -14.54 -8.86
N LEU A 79 -18.39 -13.83 -9.67
CA LEU A 79 -19.72 -13.38 -9.27
C LEU A 79 -20.80 -13.98 -10.17
N LYS A 80 -20.39 -14.39 -11.37
CA LYS A 80 -21.31 -14.93 -12.36
C LYS A 80 -21.48 -16.44 -12.25
N ALA A 81 -20.98 -17.02 -11.16
CA ALA A 81 -21.03 -18.45 -10.94
C ALA A 81 -21.60 -18.78 -9.58
N LEU A 82 -22.50 -17.93 -9.10
CA LEU A 82 -23.14 -18.11 -7.80
C LEU A 82 -24.57 -18.59 -7.97
N ASP A 83 -25.07 -19.32 -6.98
CA ASP A 83 -26.42 -19.88 -7.04
C ASP A 83 -27.46 -18.76 -7.03
N GLY A 84 -27.70 -18.19 -8.20
CA GLY A 84 -28.67 -17.12 -8.35
C GLY A 84 -28.13 -15.96 -9.17
N ALA A 85 -26.87 -16.05 -9.57
CA ALA A 85 -26.23 -14.96 -10.31
C ALA A 85 -26.79 -14.85 -11.72
N ALA A 86 -26.87 -15.99 -12.40
CA ALA A 86 -27.38 -16.03 -13.77
C ALA A 86 -28.80 -15.47 -13.84
N GLU A 87 -29.52 -15.57 -12.73
CA GLU A 87 -30.94 -15.24 -12.69
C GLU A 87 -31.23 -13.86 -12.11
N ARG A 88 -30.40 -13.43 -11.17
CA ARG A 88 -30.70 -12.24 -10.38
C ARG A 88 -29.50 -11.37 -10.05
N LEU A 89 -28.36 -11.62 -10.69
CA LEU A 89 -27.22 -10.72 -10.58
C LEU A 89 -27.12 -9.86 -11.83
N ILE A 90 -26.96 -8.56 -11.61
CA ILE A 90 -26.85 -7.60 -12.71
C ILE A 90 -25.69 -6.66 -12.43
N LEU A 91 -24.59 -6.84 -13.17
CA LEU A 91 -23.41 -6.01 -12.99
C LEU A 91 -23.54 -4.67 -13.69
N CYS A 92 -23.61 -3.61 -12.90
CA CYS A 92 -23.77 -2.26 -13.40
C CYS A 92 -22.43 -1.54 -13.49
N LYS A 93 -22.13 -0.97 -14.66
CA LYS A 93 -20.91 -0.20 -14.83
C LYS A 93 -21.07 1.15 -14.13
N ALA A 94 -20.17 1.42 -13.17
CA ALA A 94 -20.25 2.67 -12.41
C ALA A 94 -19.03 2.87 -11.53
N ASP A 95 -18.33 3.99 -11.74
CA ASP A 95 -17.33 4.46 -10.78
C ASP A 95 -18.08 5.07 -9.61
N LEU A 96 -17.43 5.20 -8.46
CA LEU A 96 -18.10 5.72 -7.27
C LEU A 96 -18.26 7.23 -7.31
N LEU A 97 -17.44 7.89 -8.12
CA LEU A 97 -17.46 9.35 -8.24
C LEU A 97 -18.28 9.80 -9.44
N ASP A 98 -18.96 8.85 -10.08
CA ASP A 98 -19.85 9.14 -11.19
C ASP A 98 -21.29 9.12 -10.69
N TYR A 99 -21.76 10.28 -10.23
CA TYR A 99 -23.09 10.41 -9.63
C TYR A 99 -24.18 9.73 -10.46
N ASP A 100 -24.22 10.03 -11.76
CA ASP A 100 -25.26 9.50 -12.63
C ASP A 100 -25.17 7.99 -12.75
N ALA A 101 -23.95 7.47 -12.78
CA ALA A 101 -23.73 6.03 -12.89
C ALA A 101 -24.30 5.32 -11.67
N ILE A 102 -24.19 5.95 -10.50
CA ILE A 102 -24.74 5.39 -9.27
C ILE A 102 -26.25 5.34 -9.34
N CYS A 103 -26.86 6.45 -9.74
N CYS A 103 -26.86 6.45 -9.76
CA CYS A 103 -28.31 6.56 -9.83
CA CYS A 103 -28.32 6.54 -9.80
C CYS A 103 -28.90 5.49 -10.74
C CYS A 103 -28.92 5.51 -10.75
N ARG A 104 -28.16 5.13 -11.77
CA ARG A 104 -28.60 4.10 -12.70
C ARG A 104 -28.66 2.74 -12.00
N ALA A 105 -27.73 2.50 -11.09
CA ALA A 105 -27.65 1.23 -10.37
C ALA A 105 -28.59 1.22 -9.17
N VAL A 106 -28.68 2.35 -8.48
CA VAL A 106 -29.50 2.49 -7.29
C VAL A 106 -30.98 2.57 -7.62
N GLN A 107 -31.32 3.00 -8.83
CA GLN A 107 -32.72 3.16 -9.23
C GLN A 107 -33.40 1.82 -9.40
N GLY A 108 -34.60 1.70 -8.85
CA GLY A 108 -35.40 0.49 -8.95
C GLY A 108 -35.16 -0.46 -7.78
N CYS A 109 -34.35 -0.03 -6.81
CA CYS A 109 -33.95 -0.89 -5.71
C CYS A 109 -34.63 -0.47 -4.41
N GLN A 110 -34.98 -1.45 -3.58
CA GLN A 110 -35.60 -1.18 -2.29
C GLN A 110 -34.56 -1.02 -1.18
N GLY A 111 -33.32 -1.36 -1.48
CA GLY A 111 -32.24 -1.25 -0.50
C GLY A 111 -30.89 -1.10 -1.16
N VAL A 112 -29.93 -0.55 -0.42
CA VAL A 112 -28.60 -0.29 -0.96
C VAL A 112 -27.53 -0.61 0.08
N PHE A 113 -26.47 -1.27 -0.35
CA PHE A 113 -25.35 -1.62 0.51
C PHE A 113 -24.07 -0.98 -0.02
N HIS A 114 -23.74 0.19 0.52
CA HIS A 114 -22.58 0.94 0.09
C HIS A 114 -21.32 0.40 0.76
N THR A 115 -20.67 -0.55 0.10
CA THR A 115 -19.46 -1.18 0.63
C THR A 115 -18.20 -0.67 -0.06
N ALA A 116 -18.36 -0.18 -1.28
CA ALA A 116 -17.23 0.31 -2.05
C ALA A 116 -16.58 1.49 -1.34
N SER A 117 -15.25 1.51 -1.34
CA SER A 117 -14.50 2.57 -0.70
C SER A 117 -13.02 2.40 -0.97
N PRO A 118 -12.25 3.50 -0.97
CA PRO A 118 -10.80 3.32 -1.03
C PRO A 118 -10.28 2.73 0.27
N VAL A 119 -9.24 1.91 0.20
CA VAL A 119 -8.57 1.39 1.39
C VAL A 119 -7.09 1.72 1.29
N THR A 120 -6.71 2.90 1.75
CA THR A 120 -5.33 3.33 1.68
C THR A 120 -5.08 4.55 2.56
N ASP A 121 -3.81 4.78 2.90
CA ASP A 121 -3.42 5.93 3.72
C ASP A 121 -3.06 7.15 2.88
N ASP A 122 -3.18 7.04 1.57
CA ASP A 122 -3.00 8.20 0.70
C ASP A 122 -4.25 9.07 0.80
N PRO A 123 -4.14 10.24 1.44
CA PRO A 123 -5.35 11.04 1.68
C PRO A 123 -5.94 11.64 0.41
N GLU A 124 -5.10 11.84 -0.62
CA GLU A 124 -5.56 12.45 -1.85
C GLU A 124 -6.56 11.56 -2.60
N GLN A 125 -6.37 10.25 -2.49
CA GLN A 125 -7.26 9.28 -3.14
C GLN A 125 -8.16 8.55 -2.13
N MET A 126 -8.12 8.98 -0.87
CA MET A 126 -8.88 8.33 0.19
C MET A 126 -9.98 9.24 0.73
N VAL A 127 -9.59 10.41 1.22
CA VAL A 127 -10.48 11.23 2.03
C VAL A 127 -11.66 11.77 1.22
N GLU A 128 -11.38 12.53 0.17
CA GLU A 128 -12.43 13.20 -0.59
C GLU A 128 -13.21 12.22 -1.47
N PRO A 129 -12.51 11.27 -2.09
CA PRO A 129 -13.24 10.27 -2.89
C PRO A 129 -14.19 9.40 -2.05
N ALA A 130 -13.94 9.32 -0.75
CA ALA A 130 -14.78 8.52 0.13
C ALA A 130 -16.02 9.31 0.55
N VAL A 131 -15.82 10.58 0.88
CA VAL A 131 -16.92 11.43 1.32
C VAL A 131 -17.83 11.78 0.14
N ARG A 132 -17.23 12.06 -1.01
CA ARG A 132 -18.02 12.38 -2.20
C ARG A 132 -18.75 11.12 -2.69
N GLY A 133 -18.02 10.01 -2.76
CA GLY A 133 -18.60 8.75 -3.21
C GLY A 133 -19.74 8.31 -2.32
N THR A 134 -19.59 8.49 -1.01
CA THR A 134 -20.62 8.09 -0.06
C THR A 134 -21.84 9.01 -0.17
N GLU A 135 -21.60 10.31 -0.26
CA GLU A 135 -22.68 11.29 -0.36
C GLU A 135 -23.48 11.12 -1.65
N TYR A 136 -22.81 10.67 -2.71
CA TYR A 136 -23.48 10.41 -3.98
C TYR A 136 -24.52 9.30 -3.82
N VAL A 137 -24.15 8.24 -3.09
CA VAL A 137 -25.06 7.12 -2.87
C VAL A 137 -26.31 7.54 -2.10
N ILE A 138 -26.11 8.23 -0.98
CA ILE A 138 -27.21 8.66 -0.14
C ILE A 138 -28.17 9.53 -0.95
N ASN A 139 -27.61 10.48 -1.70
CA ASN A 139 -28.41 11.33 -2.57
C ASN A 139 -29.12 10.51 -3.64
N ALA A 140 -28.37 9.63 -4.31
CA ALA A 140 -28.92 8.80 -5.36
C ALA A 140 -30.09 7.93 -4.87
N ALA A 141 -29.94 7.35 -3.69
CA ALA A 141 -31.00 6.51 -3.14
C ALA A 141 -32.14 7.40 -2.66
N ALA A 142 -31.77 8.57 -2.17
CA ALA A 142 -32.74 9.57 -1.74
C ALA A 142 -33.37 10.23 -2.96
N GLU A 143 -32.62 10.29 -4.06
CA GLU A 143 -33.08 10.98 -5.26
C GLU A 143 -34.38 10.36 -5.76
N ALA A 144 -34.40 9.05 -5.85
CA ALA A 144 -35.60 8.33 -6.27
C ALA A 144 -35.31 6.84 -6.19
N GLY A 145 -36.15 6.07 -5.48
CA GLY A 145 -37.30 6.56 -4.74
C GLY A 145 -38.04 5.40 -4.09
N THR A 146 -37.42 4.23 -4.18
CA THR A 146 -37.96 2.97 -3.70
C THR A 146 -37.20 2.48 -2.46
N VAL A 147 -36.01 3.03 -2.25
CA VAL A 147 -35.13 2.56 -1.17
C VAL A 147 -35.68 2.87 0.22
N ARG A 148 -35.95 1.83 0.99
CA ARG A 148 -36.46 1.99 2.35
C ARG A 148 -35.33 2.11 3.37
N ARG A 149 -34.17 1.55 3.02
CA ARG A 149 -33.02 1.55 3.92
C ARG A 149 -31.69 1.40 3.18
N VAL A 150 -30.72 2.22 3.58
CA VAL A 150 -29.35 2.11 3.08
C VAL A 150 -28.44 1.59 4.20
N VAL A 151 -27.50 0.72 3.83
CA VAL A 151 -26.54 0.18 4.79
C VAL A 151 -25.12 0.58 4.40
N PHE A 152 -24.52 1.46 5.19
CA PHE A 152 -23.16 1.91 4.93
C PHE A 152 -22.14 1.06 5.67
N THR A 153 -21.03 0.77 4.99
CA THR A 153 -19.94 0.01 5.60
C THR A 153 -18.88 0.98 6.09
N SER A 154 -18.95 1.33 7.37
CA SER A 154 -17.91 2.13 8.00
C SER A 154 -16.79 1.20 8.46
N SER A 155 -15.94 1.67 9.36
CA SER A 155 -14.84 0.86 9.88
C SER A 155 -14.59 1.11 11.36
N ILE A 156 -13.77 0.26 11.96
CA ILE A 156 -13.36 0.42 13.35
C ILE A 156 -12.39 1.60 13.45
N GLY A 157 -11.82 1.99 12.31
CA GLY A 157 -10.94 3.14 12.25
C GLY A 157 -11.62 4.43 12.70
N ALA A 158 -12.96 4.42 12.67
CA ALA A 158 -13.76 5.55 13.13
C ALA A 158 -14.34 5.28 14.52
N VAL A 159 -13.65 4.44 15.30
CA VAL A 159 -14.15 4.05 16.61
C VAL A 159 -13.05 4.03 17.67
N THR A 160 -12.05 3.18 17.50
CA THR A 160 -11.07 2.91 18.55
C THR A 160 -9.84 3.81 18.50
N MET A 161 -9.77 4.70 17.52
CA MET A 161 -8.61 5.57 17.35
C MET A 161 -8.72 6.84 18.19
N ASP A 162 -8.48 6.71 19.49
CA ASP A 162 -8.51 7.84 20.40
C ASP A 162 -7.65 7.56 21.63
N PRO A 163 -6.39 8.04 21.64
CA PRO A 163 -5.50 7.74 22.77
C PRO A 163 -5.96 8.40 24.07
N SER A 164 -6.94 9.28 23.99
CA SER A 164 -7.52 9.90 25.17
C SER A 164 -8.51 8.94 25.83
N ARG A 165 -8.86 7.89 25.10
CA ARG A 165 -9.78 6.87 25.61
C ARG A 165 -9.14 6.10 26.75
N GLY A 166 -9.91 5.84 27.81
CA GLY A 166 -9.41 5.11 28.96
C GLY A 166 -9.20 3.64 28.64
N PRO A 167 -8.46 2.94 29.50
CA PRO A 167 -8.22 1.50 29.33
C PRO A 167 -9.36 0.63 29.86
N ASP A 168 -10.17 1.20 30.75
CA ASP A 168 -11.23 0.46 31.41
C ASP A 168 -12.54 0.46 30.62
N VAL A 169 -12.78 1.53 29.88
CA VAL A 169 -14.05 1.72 29.16
C VAL A 169 -14.28 0.65 28.10
N VAL A 170 -15.54 0.26 27.96
CA VAL A 170 -15.95 -0.70 26.94
C VAL A 170 -16.21 -0.01 25.62
N VAL A 171 -15.43 -0.36 24.60
CA VAL A 171 -15.62 0.16 23.26
C VAL A 171 -16.94 -0.32 22.67
N ASP A 172 -17.90 0.60 22.52
CA ASP A 172 -19.18 0.28 21.90
C ASP A 172 -19.44 1.22 20.73
N GLU A 173 -20.69 1.33 20.32
CA GLU A 173 -21.04 2.08 19.12
C GLU A 173 -20.89 3.59 19.31
N SER A 174 -21.00 4.04 20.56
CA SER A 174 -20.93 5.48 20.86
C SER A 174 -19.50 5.97 20.98
N CYS A 175 -18.54 5.17 20.52
CA CYS A 175 -17.14 5.56 20.54
C CYS A 175 -16.70 6.05 19.18
N TRP A 176 -16.11 7.24 19.15
CA TRP A 176 -15.62 7.85 17.92
C TRP A 176 -14.13 8.14 18.02
N SER A 177 -13.50 8.37 16.88
CA SER A 177 -12.06 8.57 16.82
C SER A 177 -11.70 10.05 16.95
N ASP A 178 -10.49 10.31 17.44
CA ASP A 178 -9.96 11.66 17.46
C ASP A 178 -9.37 11.98 16.10
N LEU A 179 -10.05 12.83 15.35
CA LEU A 179 -9.65 13.13 13.98
C LEU A 179 -8.29 13.81 13.91
N GLU A 180 -7.97 14.58 14.95
CA GLU A 180 -6.68 15.25 15.00
C GLU A 180 -5.56 14.23 15.17
N PHE A 181 -5.78 13.26 16.04
CA PHE A 181 -4.82 12.19 16.29
C PHE A 181 -4.57 11.38 15.01
N CYS A 182 -5.61 11.17 14.22
CA CYS A 182 -5.48 10.48 12.95
C CYS A 182 -4.62 11.28 11.99
N LYS A 183 -4.82 12.60 11.97
CA LYS A 183 -4.12 13.47 11.05
C LYS A 183 -2.64 13.62 11.42
N LYS A 184 -2.38 13.64 12.72
CA LYS A 184 -1.01 13.79 13.22
C LYS A 184 -0.18 12.55 12.90
N THR A 185 -0.84 11.40 12.89
CA THR A 185 -0.17 10.11 12.69
C THR A 185 -0.37 9.58 11.27
N ARG A 186 -0.95 10.40 10.40
CA ARG A 186 -1.13 10.04 9.00
C ARG A 186 -2.08 8.86 8.82
N ASN A 187 -2.93 8.62 9.82
CA ASN A 187 -3.95 7.57 9.71
C ASN A 187 -5.12 8.08 8.89
N TRP A 188 -4.94 8.04 7.57
CA TRP A 188 -5.91 8.65 6.66
C TRP A 188 -7.05 7.71 6.27
N TYR A 189 -6.81 6.41 6.36
CA TYR A 189 -7.89 5.46 6.16
C TYR A 189 -8.91 5.57 7.28
N CYS A 190 -8.41 5.74 8.50
CA CYS A 190 -9.26 5.90 9.66
C CYS A 190 -9.94 7.26 9.62
N TYR A 191 -9.19 8.25 9.13
CA TYR A 191 -9.72 9.59 8.94
C TYR A 191 -10.89 9.55 7.96
N GLY A 192 -10.62 9.05 6.75
CA GLY A 192 -11.60 9.04 5.68
C GLY A 192 -12.88 8.31 6.03
N LYS A 193 -12.75 7.18 6.71
CA LYS A 193 -13.92 6.42 7.14
C LYS A 193 -14.75 7.17 8.16
N ALA A 194 -14.09 7.91 9.05
CA ALA A 194 -14.78 8.68 10.06
C ALA A 194 -15.58 9.79 9.39
N VAL A 195 -14.94 10.52 8.50
CA VAL A 195 -15.58 11.63 7.81
C VAL A 195 -16.66 11.11 6.86
N ALA A 196 -16.37 10.02 6.16
CA ALA A 196 -17.32 9.46 5.21
C ALA A 196 -18.58 8.96 5.93
N GLU A 197 -18.42 8.48 7.15
CA GLU A 197 -19.56 8.00 7.92
C GLU A 197 -20.40 9.16 8.42
N GLN A 198 -19.75 10.15 9.03
CA GLN A 198 -20.44 11.31 9.55
C GLN A 198 -21.11 12.07 8.41
N ALA A 199 -20.49 12.04 7.24
CA ALA A 199 -21.07 12.66 6.06
C ALA A 199 -22.33 11.90 5.63
N ALA A 200 -22.30 10.59 5.80
CA ALA A 200 -23.45 9.75 5.45
C ALA A 200 -24.59 9.97 6.43
N TRP A 201 -24.25 10.16 7.70
CA TRP A 201 -25.25 10.44 8.73
C TRP A 201 -25.90 11.79 8.46
N ASP A 202 -25.09 12.78 8.09
CA ASP A 202 -25.60 14.09 7.71
C ASP A 202 -26.47 14.00 6.47
N ALA A 203 -25.88 13.49 5.38
CA ALA A 203 -26.55 13.38 4.10
C ALA A 203 -27.87 12.64 4.23
N ALA A 204 -27.91 11.63 5.07
CA ALA A 204 -29.11 10.84 5.27
C ALA A 204 -30.20 11.66 5.94
N ARG A 205 -29.81 12.48 6.92
CA ARG A 205 -30.76 13.29 7.67
C ARG A 205 -31.26 14.45 6.81
N GLN A 206 -30.35 15.06 6.07
CA GLN A 206 -30.67 16.21 5.23
C GLN A 206 -31.64 15.82 4.14
N ARG A 207 -31.54 14.58 3.66
CA ARG A 207 -32.38 14.07 2.58
C ARG A 207 -33.47 13.13 3.11
N GLY A 208 -33.37 12.74 4.37
CA GLY A 208 -34.40 11.94 5.02
C GLY A 208 -34.52 10.51 4.54
N VAL A 209 -33.39 9.86 4.30
CA VAL A 209 -33.37 8.43 3.95
C VAL A 209 -32.88 7.60 5.15
N ASP A 210 -33.52 6.45 5.35
CA ASP A 210 -33.19 5.56 6.47
C ASP A 210 -31.78 5.00 6.33
N LEU A 211 -30.95 5.24 7.34
CA LEU A 211 -29.57 4.76 7.36
C LEU A 211 -29.27 3.90 8.59
N VAL A 212 -28.43 2.91 8.40
CA VAL A 212 -27.91 2.11 9.51
C VAL A 212 -26.51 1.63 9.14
N VAL A 213 -25.58 1.74 10.08
CA VAL A 213 -24.17 1.51 9.80
C VAL A 213 -23.64 0.25 10.47
N VAL A 214 -22.70 -0.41 9.80
CA VAL A 214 -22.01 -1.58 10.33
C VAL A 214 -20.51 -1.30 10.39
N ASN A 215 -19.92 -1.45 11.58
CA ASN A 215 -18.50 -1.19 11.79
C ASN A 215 -17.69 -2.47 11.97
N PRO A 216 -17.29 -3.10 10.85
CA PRO A 216 -16.40 -4.27 10.98
C PRO A 216 -14.99 -3.87 11.37
N VAL A 217 -14.33 -4.76 12.10
CA VAL A 217 -12.93 -4.57 12.48
C VAL A 217 -12.07 -5.19 11.39
N LEU A 218 -10.81 -5.50 11.70
CA LEU A 218 -9.95 -6.16 10.72
C LEU A 218 -10.56 -7.50 10.35
N VAL A 219 -11.09 -7.58 9.13
CA VAL A 219 -11.79 -8.76 8.65
C VAL A 219 -10.82 -9.83 8.15
N VAL A 220 -11.22 -11.09 8.28
CA VAL A 220 -10.39 -12.21 7.86
C VAL A 220 -11.28 -13.41 7.58
N GLY A 221 -10.81 -14.33 6.75
CA GLY A 221 -11.61 -15.48 6.35
C GLY A 221 -11.29 -15.90 4.94
N PRO A 222 -12.10 -16.81 4.36
CA PRO A 222 -11.89 -17.28 2.99
C PRO A 222 -12.15 -16.20 1.93
N LEU A 223 -11.31 -16.16 0.90
CA LEU A 223 -11.42 -15.18 -0.17
C LEU A 223 -12.14 -15.77 -1.38
N LEU A 224 -13.21 -15.11 -1.79
CA LEU A 224 -13.94 -15.50 -2.99
C LEU A 224 -13.32 -14.84 -4.22
N GLN A 225 -12.81 -13.62 -4.03
CA GLN A 225 -12.20 -12.87 -5.12
C GLN A 225 -10.77 -13.37 -5.34
N PRO A 226 -10.27 -13.25 -6.58
CA PRO A 226 -8.97 -13.82 -6.95
C PRO A 226 -7.77 -13.04 -6.41
N THR A 227 -8.01 -11.82 -5.94
CA THR A 227 -6.94 -10.93 -5.52
C THR A 227 -6.88 -10.78 -3.99
N VAL A 228 -5.69 -10.52 -3.48
CA VAL A 228 -5.48 -10.36 -2.04
C VAL A 228 -5.77 -8.93 -1.59
N ASN A 229 -6.74 -8.77 -0.72
CA ASN A 229 -7.13 -7.46 -0.21
C ASN A 229 -6.25 -7.01 0.96
N ALA A 230 -6.56 -5.84 1.50
CA ALA A 230 -5.70 -5.19 2.50
C ALA A 230 -5.64 -5.94 3.84
N SER A 231 -6.77 -6.45 4.30
CA SER A 231 -6.84 -7.11 5.60
C SER A 231 -6.13 -8.47 5.58
N ILE A 232 -6.28 -9.20 4.49
CA ILE A 232 -5.63 -10.49 4.34
C ILE A 232 -4.12 -10.32 4.25
N ALA A 233 -3.69 -9.17 3.76
CA ALA A 233 -2.25 -8.89 3.65
C ALA A 233 -1.61 -8.81 5.03
N HIS A 234 -2.40 -8.42 6.03
CA HIS A 234 -1.90 -8.33 7.40
C HIS A 234 -1.75 -9.73 8.00
N VAL A 235 -2.52 -10.67 7.46
CA VAL A 235 -2.47 -12.06 7.90
C VAL A 235 -1.38 -12.80 7.13
N LEU A 236 -1.32 -12.55 5.83
CA LEU A 236 -0.45 -13.29 4.92
C LEU A 236 1.03 -12.92 5.09
N LYS A 237 1.29 -11.74 5.63
CA LYS A 237 2.66 -11.27 5.79
C LYS A 237 3.42 -12.04 6.88
N TYR A 238 2.68 -12.83 7.67
CA TYR A 238 3.28 -13.70 8.67
C TYR A 238 3.65 -15.05 8.07
N LEU A 239 2.91 -15.46 7.04
CA LEU A 239 3.00 -16.80 6.49
C LEU A 239 3.93 -16.91 5.29
N ASP A 240 4.46 -15.78 4.81
CA ASP A 240 5.37 -15.78 3.67
C ASP A 240 6.73 -15.17 4.01
N GLY A 241 6.95 -14.90 5.29
CA GLY A 241 8.25 -14.44 5.76
C GLY A 241 8.53 -12.99 5.47
N SER A 242 7.49 -12.23 5.13
CA SER A 242 7.63 -10.79 4.91
C SER A 242 7.99 -10.10 6.22
N ALA A 243 7.55 -10.68 7.34
CA ALA A 243 7.82 -10.14 8.66
C ALA A 243 8.64 -11.12 9.50
N ARG A 244 9.75 -10.63 10.05
CA ARG A 244 10.59 -11.42 10.94
C ARG A 244 10.22 -11.15 12.40
N THR A 245 9.35 -10.17 12.62
CA THR A 245 8.87 -9.83 13.95
C THR A 245 7.42 -9.36 13.87
N PHE A 246 6.81 -9.16 15.04
CA PHE A 246 5.46 -8.61 15.12
C PHE A 246 5.45 -7.45 16.10
N ALA A 247 4.62 -6.45 15.80
CA ALA A 247 4.59 -5.22 16.58
C ALA A 247 3.96 -5.45 17.95
N ASN A 248 4.24 -4.54 18.87
CA ASN A 248 3.65 -4.56 20.20
C ASN A 248 2.31 -3.83 20.22
N ALA A 249 1.32 -4.40 19.56
CA ALA A 249 0.01 -3.77 19.43
C ALA A 249 -1.11 -4.79 19.49
N VAL A 250 -2.35 -4.29 19.58
CA VAL A 250 -3.54 -5.15 19.61
C VAL A 250 -4.51 -4.71 18.52
N GLN A 251 -5.50 -5.56 18.25
CA GLN A 251 -6.53 -5.26 17.26
C GLN A 251 -7.65 -6.30 17.35
N ALA A 252 -8.84 -5.93 16.92
CA ALA A 252 -9.99 -6.82 16.92
C ALA A 252 -10.10 -7.56 15.60
N TYR A 253 -10.78 -8.72 15.62
CA TYR A 253 -10.92 -9.56 14.43
C TYR A 253 -12.34 -10.07 14.28
N VAL A 254 -12.71 -10.37 13.03
CA VAL A 254 -14.03 -10.87 12.71
C VAL A 254 -13.95 -11.69 11.43
N ASP A 255 -14.88 -12.63 11.25
CA ASP A 255 -14.91 -13.39 10.02
C ASP A 255 -15.63 -12.61 8.93
N VAL A 256 -15.19 -12.79 7.69
CA VAL A 256 -15.78 -12.09 6.56
C VAL A 256 -17.26 -12.45 6.39
N ARG A 257 -17.61 -13.68 6.73
CA ARG A 257 -18.99 -14.13 6.61
C ARG A 257 -19.84 -13.56 7.75
N ASP A 258 -19.23 -13.31 8.89
CA ASP A 258 -19.92 -12.67 10.00
C ASP A 258 -20.30 -11.25 9.61
N VAL A 259 -19.48 -10.62 8.79
CA VAL A 259 -19.73 -9.27 8.31
C VAL A 259 -20.86 -9.27 7.28
N ALA A 260 -20.70 -10.08 6.24
CA ALA A 260 -21.71 -10.18 5.18
C ALA A 260 -23.07 -10.54 5.77
N ASP A 261 -23.06 -11.34 6.83
CA ASP A 261 -24.28 -11.72 7.51
C ASP A 261 -24.85 -10.55 8.31
N ALA A 262 -23.97 -9.69 8.81
CA ALA A 262 -24.37 -8.56 9.64
C ALA A 262 -25.13 -7.54 8.81
N HIS A 263 -24.59 -7.23 7.63
CA HIS A 263 -25.19 -6.29 6.71
C HIS A 263 -26.61 -6.72 6.34
N LEU A 264 -26.80 -8.03 6.19
CA LEU A 264 -28.08 -8.57 5.78
C LEU A 264 -29.08 -8.62 6.93
N ARG A 265 -28.57 -8.80 8.14
CA ARG A 265 -29.43 -8.85 9.32
C ARG A 265 -29.88 -7.47 9.73
N VAL A 266 -28.97 -6.50 9.69
CA VAL A 266 -29.27 -5.14 10.09
C VAL A 266 -30.20 -4.46 9.08
N PHE A 267 -30.27 -5.02 7.87
CA PHE A 267 -31.14 -4.49 6.83
C PHE A 267 -32.57 -5.00 6.98
N GLU A 268 -32.70 -6.31 7.20
CA GLU A 268 -34.01 -6.94 7.27
C GLU A 268 -34.74 -6.63 8.57
N SER A 269 -33.98 -6.39 9.64
CA SER A 269 -34.58 -6.08 10.94
C SER A 269 -35.18 -4.68 10.92
N PRO A 270 -36.53 -4.57 10.98
CA PRO A 270 -37.19 -3.27 10.85
C PRO A 270 -36.73 -2.24 11.87
N ALA A 271 -36.63 -2.65 13.12
CA ALA A 271 -36.28 -1.73 14.21
C ALA A 271 -34.79 -1.40 14.23
N ALA A 272 -34.02 -2.01 13.33
CA ALA A 272 -32.58 -1.80 13.29
C ALA A 272 -32.26 -0.33 13.07
N SER A 273 -31.39 0.21 13.92
CA SER A 273 -31.02 1.62 13.84
C SER A 273 -29.70 1.88 14.56
N GLY A 274 -29.04 2.98 14.17
CA GLY A 274 -27.79 3.38 14.77
C GLY A 274 -26.62 2.66 14.14
N ARG A 275 -25.47 2.69 14.83
CA ARG A 275 -24.30 1.98 14.36
C ARG A 275 -24.35 0.53 14.85
N TYR A 276 -23.53 -0.33 14.26
CA TYR A 276 -23.46 -1.72 14.66
C TYR A 276 -22.03 -2.23 14.60
N LEU A 277 -21.41 -2.34 15.76
CA LEU A 277 -20.06 -2.86 15.88
C LEU A 277 -20.05 -4.36 15.55
N CYS A 278 -19.05 -4.77 14.77
CA CYS A 278 -18.99 -6.13 14.24
C CYS A 278 -17.62 -6.77 14.49
N ALA A 279 -17.51 -7.51 15.59
CA ALA A 279 -16.25 -8.16 15.97
C ALA A 279 -16.51 -9.40 16.82
N GLU A 280 -15.54 -10.32 16.84
CA GLU A 280 -15.64 -11.54 17.64
C GLU A 280 -14.81 -11.44 18.91
N ARG A 281 -13.57 -10.97 18.79
CA ARG A 281 -12.69 -10.80 19.95
C ARG A 281 -11.50 -9.91 19.64
N VAL A 282 -10.79 -9.51 20.69
CA VAL A 282 -9.59 -8.68 20.57
C VAL A 282 -8.36 -9.51 20.92
N LEU A 283 -7.38 -9.51 20.02
CA LEU A 283 -6.16 -10.30 20.19
C LEU A 283 -4.90 -9.44 20.11
N HIS A 284 -3.84 -9.91 20.76
CA HIS A 284 -2.52 -9.32 20.64
C HIS A 284 -1.86 -9.89 19.39
N ARG A 285 -0.85 -9.19 18.87
CA ARG A 285 -0.13 -9.67 17.69
C ARG A 285 0.44 -11.05 17.97
N GLU A 286 0.96 -11.22 19.18
CA GLU A 286 1.51 -12.48 19.66
C GLU A 286 0.50 -13.62 19.59
N ASP A 287 -0.71 -13.37 20.09
CA ASP A 287 -1.74 -14.40 20.14
C ASP A 287 -2.11 -14.89 18.73
N VAL A 288 -2.00 -13.99 17.76
CA VAL A 288 -2.30 -14.34 16.38
C VAL A 288 -1.23 -15.26 15.80
N VAL A 289 0.03 -14.85 15.91
CA VAL A 289 1.13 -15.64 15.35
C VAL A 289 1.30 -16.96 16.09
N ARG A 290 0.72 -17.06 17.28
CA ARG A 290 0.71 -18.31 18.01
C ARG A 290 -0.26 -19.27 17.36
N ILE A 291 -1.48 -18.79 17.09
CA ILE A 291 -2.50 -19.60 16.43
C ILE A 291 -2.04 -20.10 15.06
N LEU A 292 -1.28 -19.29 14.35
CA LEU A 292 -0.81 -19.66 13.02
C LEU A 292 0.34 -20.66 13.13
N ALA A 293 1.20 -20.47 14.12
CA ALA A 293 2.29 -21.41 14.39
C ALA A 293 1.70 -22.73 14.85
N LYS A 294 0.58 -22.63 15.56
CA LYS A 294 -0.10 -23.79 16.12
C LYS A 294 -0.55 -24.72 14.99
N LEU A 295 -1.28 -24.15 14.03
CA LEU A 295 -1.91 -24.93 12.96
C LEU A 295 -1.03 -25.04 11.71
N PHE A 296 0.03 -24.24 11.66
CA PHE A 296 0.90 -24.20 10.49
C PHE A 296 2.36 -23.94 10.88
N PRO A 297 3.03 -24.96 11.44
CA PRO A 297 4.43 -24.82 11.88
C PRO A 297 5.43 -24.93 10.73
N GLU A 298 4.96 -25.26 9.53
CA GLU A 298 5.84 -25.40 8.38
C GLU A 298 6.10 -24.04 7.71
N TYR A 299 5.44 -23.00 8.23
CA TYR A 299 5.59 -21.65 7.70
C TYR A 299 6.46 -20.81 8.64
N PRO A 300 7.11 -19.76 8.11
CA PRO A 300 8.05 -18.95 8.87
C PRO A 300 7.37 -17.82 9.65
N VAL A 301 6.34 -18.16 10.41
CA VAL A 301 5.64 -17.19 11.23
C VAL A 301 6.57 -16.59 12.27
N PRO A 302 6.40 -15.29 12.59
CA PRO A 302 7.31 -14.69 13.58
C PRO A 302 7.11 -15.26 14.97
N THR A 303 8.10 -15.09 15.83
CA THR A 303 8.02 -15.49 17.22
C THR A 303 8.50 -14.37 18.13
N ARG A 304 9.43 -13.57 17.62
CA ARG A 304 10.01 -12.47 18.37
C ARG A 304 9.20 -11.18 18.19
N CYS A 305 9.15 -10.37 19.24
CA CYS A 305 8.41 -9.11 19.21
C CYS A 305 9.34 -7.93 18.93
N SER A 306 8.79 -6.90 18.30
CA SER A 306 9.57 -5.73 17.91
C SER A 306 9.98 -4.86 19.11
N ASP A 307 9.28 -5.04 20.23
CA ASP A 307 9.55 -4.24 21.43
C ASP A 307 10.32 -5.02 22.49
N GLU A 308 9.68 -5.97 23.16
CA GLU A 308 10.33 -6.81 24.17
C GLU A 308 10.94 -6.05 25.36
N VAL A 309 10.54 -4.79 25.56
CA VAL A 309 11.12 -3.98 26.64
C VAL A 309 10.06 -3.24 27.44
N ASN A 310 8.94 -2.92 26.81
CA ASN A 310 7.81 -2.26 27.47
C ASN A 310 6.71 -3.28 27.70
N PRO A 311 5.80 -3.01 28.65
CA PRO A 311 4.75 -4.00 28.91
C PRO A 311 3.84 -4.19 27.71
N ARG A 312 3.59 -5.46 27.37
CA ARG A 312 2.73 -5.79 26.22
C ARG A 312 1.35 -5.18 26.38
N LYS A 313 0.84 -4.60 25.30
CA LYS A 313 -0.47 -3.98 25.30
C LYS A 313 -1.57 -5.00 25.51
N GLN A 314 -2.45 -4.76 26.48
CA GLN A 314 -3.54 -5.68 26.78
C GLN A 314 -4.76 -5.36 25.92
N PRO A 315 -5.51 -6.38 25.50
CA PRO A 315 -6.68 -6.14 24.64
C PRO A 315 -7.76 -5.35 25.36
N TYR A 316 -8.56 -4.62 24.61
CA TYR A 316 -9.58 -3.75 25.19
C TYR A 316 -10.96 -4.40 25.20
N LYS A 317 -11.75 -4.04 26.19
CA LYS A 317 -13.12 -4.52 26.29
C LYS A 317 -13.94 -3.93 25.16
N PHE A 318 -14.89 -4.69 24.64
CA PHE A 318 -15.75 -4.22 23.56
C PHE A 318 -17.12 -4.87 23.64
N SER A 319 -18.06 -4.29 22.91
CA SER A 319 -19.43 -4.80 22.89
C SER A 319 -19.86 -5.14 21.46
N ASN A 320 -20.43 -6.32 21.30
CA ASN A 320 -21.05 -6.73 20.04
C ASN A 320 -22.43 -7.27 20.34
N GLN A 321 -23.12 -6.60 21.26
CA GLN A 321 -24.42 -7.04 21.73
C GLN A 321 -25.52 -6.68 20.73
N LYS A 322 -25.35 -5.57 20.03
CA LYS A 322 -26.34 -5.12 19.06
C LYS A 322 -26.55 -6.15 17.96
N LEU A 323 -25.45 -6.71 17.46
CA LEU A 323 -25.52 -7.75 16.45
C LEU A 323 -25.96 -9.09 17.04
N ARG A 324 -25.51 -9.39 18.25
CA ARG A 324 -25.91 -10.63 18.92
C ARG A 324 -27.42 -10.58 19.22
N ASP A 325 -27.91 -9.42 19.62
CA ASP A 325 -29.34 -9.25 19.88
C ASP A 325 -30.18 -9.55 18.63
N LEU A 326 -29.55 -9.45 17.47
CA LEU A 326 -30.20 -9.80 16.20
C LEU A 326 -29.97 -11.27 15.87
N GLY A 327 -29.49 -12.04 16.85
CA GLY A 327 -29.33 -13.47 16.70
C GLY A 327 -28.17 -13.88 15.82
N LEU A 328 -27.02 -13.23 16.02
CA LEU A 328 -25.82 -13.53 15.24
C LEU A 328 -24.79 -14.30 16.04
N GLU A 329 -24.52 -15.52 15.62
CA GLU A 329 -23.51 -16.37 16.26
C GLU A 329 -22.17 -16.21 15.54
N PHE A 330 -21.23 -15.54 16.20
CA PHE A 330 -19.93 -15.25 15.61
C PHE A 330 -19.06 -16.49 15.51
N ARG A 331 -18.39 -16.65 14.38
CA ARG A 331 -17.43 -17.74 14.20
C ARG A 331 -16.12 -17.38 14.90
N PRO A 332 -15.54 -18.33 15.66
CA PRO A 332 -14.25 -18.04 16.30
C PRO A 332 -13.16 -17.56 15.34
N VAL A 333 -12.27 -16.72 15.83
CA VAL A 333 -11.17 -16.21 15.00
C VAL A 333 -10.28 -17.34 14.52
N SER A 334 -9.93 -18.24 15.42
CA SER A 334 -9.08 -19.38 15.12
C SER A 334 -9.67 -20.21 13.99
N GLN A 335 -10.98 -20.42 14.05
CA GLN A 335 -11.68 -21.17 13.01
C GLN A 335 -11.63 -20.41 11.69
N SER A 336 -11.72 -19.09 11.78
CA SER A 336 -11.74 -18.24 10.60
C SER A 336 -10.35 -18.09 10.00
N LEU A 337 -9.34 -18.05 10.86
CA LEU A 337 -7.96 -17.96 10.41
C LEU A 337 -7.54 -19.22 9.67
N TYR A 338 -8.15 -20.35 10.03
CA TYR A 338 -7.81 -21.62 9.42
C TYR A 338 -8.39 -21.71 8.01
N ASP A 339 -9.63 -21.30 7.85
N ASP A 339 -9.63 -21.30 7.86
CA ASP A 339 -10.29 -21.31 6.55
CA ASP A 339 -10.29 -21.31 6.56
C ASP A 339 -9.56 -20.38 5.58
C ASP A 339 -9.57 -20.37 5.58
N THR A 340 -8.92 -19.35 6.12
CA THR A 340 -8.16 -18.41 5.30
C THR A 340 -6.93 -19.08 4.69
N VAL A 341 -6.09 -19.67 5.55
CA VAL A 341 -4.87 -20.32 5.08
C VAL A 341 -5.22 -21.46 4.12
N LYS A 342 -6.31 -22.17 4.42
CA LYS A 342 -6.75 -23.26 3.57
C LYS A 342 -7.25 -22.72 2.24
N ASN A 343 -7.83 -21.52 2.27
CA ASN A 343 -8.34 -20.89 1.07
C ASN A 343 -7.20 -20.32 0.22
N LEU A 344 -6.24 -19.66 0.88
CA LEU A 344 -5.11 -19.06 0.18
C LEU A 344 -4.28 -20.12 -0.54
N GLN A 345 -4.12 -21.26 0.10
CA GLN A 345 -3.36 -22.37 -0.49
C GLN A 345 -4.09 -22.92 -1.71
N GLU A 346 -5.40 -23.09 -1.60
CA GLU A 346 -6.20 -23.64 -2.69
C GLU A 346 -6.17 -22.74 -3.92
N LYS A 347 -5.92 -21.45 -3.69
CA LYS A 347 -5.98 -20.46 -4.77
C LYS A 347 -4.59 -19.96 -5.15
N GLY A 348 -3.56 -20.67 -4.71
CA GLY A 348 -2.20 -20.43 -5.17
C GLY A 348 -1.48 -19.29 -4.47
N HIS A 349 -2.17 -18.59 -3.58
CA HIS A 349 -1.56 -17.45 -2.88
C HIS A 349 -0.48 -17.91 -1.92
N LEU A 350 -0.59 -19.16 -1.46
CA LEU A 350 0.40 -19.75 -0.57
C LEU A 350 0.80 -21.15 -1.06
N PRO A 351 2.09 -21.51 -0.93
CA PRO A 351 2.53 -22.84 -1.36
C PRO A 351 2.11 -23.93 -0.38
N GLY B 37 35.37 -5.53 -18.62
CA GLY B 37 34.83 -6.86 -18.50
C GLY B 37 34.88 -7.38 -17.07
N GLN B 38 34.03 -6.83 -16.21
CA GLN B 38 33.96 -7.24 -14.81
C GLN B 38 32.62 -7.86 -14.48
N THR B 39 32.48 -8.34 -13.24
CA THR B 39 31.26 -8.98 -12.78
C THR B 39 30.70 -8.26 -11.55
N VAL B 40 29.38 -8.02 -11.56
CA VAL B 40 28.72 -7.30 -10.47
C VAL B 40 27.40 -7.96 -10.09
N CYS B 41 26.94 -7.70 -8.86
CA CYS B 41 25.68 -8.22 -8.34
C CYS B 41 24.68 -7.09 -8.12
N VAL B 42 23.42 -7.35 -8.46
CA VAL B 42 22.36 -6.36 -8.29
C VAL B 42 21.14 -7.01 -7.67
N THR B 43 20.78 -6.56 -6.46
CA THR B 43 19.68 -7.16 -5.73
C THR B 43 18.34 -6.59 -6.14
N GLY B 44 17.34 -7.46 -6.25
CA GLY B 44 16.02 -7.05 -6.72
C GLY B 44 16.13 -6.56 -8.16
N ALA B 45 16.82 -7.35 -8.98
CA ALA B 45 17.25 -6.92 -10.30
C ALA B 45 16.11 -6.58 -11.26
N ALA B 46 14.90 -7.04 -10.95
CA ALA B 46 13.74 -6.81 -11.81
C ALA B 46 12.81 -5.77 -11.22
N GLY B 47 13.37 -4.82 -10.46
CA GLY B 47 12.61 -3.73 -9.90
C GLY B 47 12.54 -2.55 -10.86
N TYR B 48 11.84 -1.50 -10.45
CA TYR B 48 11.68 -0.32 -11.27
C TYR B 48 13.03 0.35 -11.58
N ILE B 49 13.74 0.72 -10.52
CA ILE B 49 15.05 1.35 -10.66
C ILE B 49 16.12 0.35 -11.05
N ALA B 50 15.96 -0.89 -10.59
CA ALA B 50 16.97 -1.92 -10.81
C ALA B 50 17.02 -2.37 -12.27
N SER B 51 15.86 -2.64 -12.86
CA SER B 51 15.79 -3.10 -14.24
C SER B 51 16.55 -2.18 -15.18
N TRP B 52 16.57 -0.89 -14.85
CA TRP B 52 17.31 0.09 -15.62
C TRP B 52 18.80 0.02 -15.33
N LEU B 53 19.15 -0.39 -14.10
CA LEU B 53 20.55 -0.51 -13.71
C LEU B 53 21.18 -1.68 -14.46
N VAL B 54 20.42 -2.75 -14.63
CA VAL B 54 20.90 -3.92 -15.34
C VAL B 54 21.12 -3.59 -16.81
N LYS B 55 20.18 -2.86 -17.40
CA LYS B 55 20.27 -2.48 -18.81
C LYS B 55 21.56 -1.70 -19.08
N MET B 56 21.82 -0.69 -18.26
CA MET B 56 23.02 0.12 -18.41
C MET B 56 24.27 -0.69 -18.16
N LEU B 57 24.23 -1.55 -17.14
CA LEU B 57 25.36 -2.41 -16.82
C LEU B 57 25.67 -3.36 -17.98
N LEU B 58 24.66 -4.10 -18.43
CA LEU B 58 24.83 -5.03 -19.53
C LEU B 58 25.36 -4.35 -20.78
N GLU B 59 25.06 -3.07 -20.94
CA GLU B 59 25.45 -2.32 -22.14
C GLU B 59 26.91 -1.88 -22.11
N LYS B 60 27.55 -1.99 -20.96
CA LYS B 60 28.95 -1.58 -20.81
C LYS B 60 29.89 -2.77 -20.60
N GLY B 61 29.43 -3.96 -20.98
CA GLY B 61 30.27 -5.15 -20.92
C GLY B 61 30.44 -5.70 -19.51
N TYR B 62 29.43 -5.51 -18.67
CA TYR B 62 29.44 -6.05 -17.31
C TYR B 62 28.67 -7.36 -17.23
N THR B 63 29.21 -8.31 -16.46
CA THR B 63 28.48 -9.51 -16.10
C THR B 63 27.60 -9.19 -14.90
N VAL B 64 26.29 -9.30 -15.07
CA VAL B 64 25.34 -8.92 -14.03
C VAL B 64 24.64 -10.13 -13.42
N LYS B 65 24.87 -10.32 -12.12
CA LYS B 65 24.15 -11.33 -11.36
C LYS B 65 22.90 -10.71 -10.74
N GLY B 66 21.73 -11.15 -11.20
CA GLY B 66 20.48 -10.56 -10.81
C GLY B 66 19.71 -11.37 -9.76
N THR B 67 19.61 -10.81 -8.57
CA THR B 67 18.90 -11.47 -7.48
C THR B 67 17.39 -11.26 -7.58
N VAL B 68 16.66 -12.36 -7.67
CA VAL B 68 15.20 -12.31 -7.61
C VAL B 68 14.69 -13.53 -6.84
N ARG B 69 13.46 -13.42 -6.35
CA ARG B 69 12.83 -14.51 -5.63
C ARG B 69 12.77 -15.80 -6.44
N ASN B 70 12.44 -15.70 -7.73
CA ASN B 70 12.29 -16.86 -8.60
C ASN B 70 12.71 -16.56 -10.04
N PRO B 71 13.97 -16.86 -10.39
CA PRO B 71 14.53 -16.56 -11.72
C PRO B 71 13.66 -16.95 -12.91
N ASP B 72 12.72 -17.87 -12.73
CA ASP B 72 11.89 -18.36 -13.84
C ASP B 72 10.43 -17.97 -13.67
N ASP B 73 10.16 -16.99 -12.80
CA ASP B 73 8.83 -16.42 -12.69
C ASP B 73 8.65 -15.38 -13.79
N PRO B 74 7.42 -15.24 -14.33
CA PRO B 74 7.20 -14.28 -15.43
C PRO B 74 7.60 -12.84 -15.10
N LYS B 75 7.67 -12.51 -13.81
CA LYS B 75 8.02 -11.16 -13.38
C LYS B 75 9.35 -10.69 -13.95
N ASN B 76 10.21 -11.63 -14.30
CA ASN B 76 11.55 -11.32 -14.78
C ASN B 76 11.71 -11.49 -16.28
N ALA B 77 10.59 -11.72 -16.97
CA ALA B 77 10.60 -11.93 -18.41
C ALA B 77 11.18 -10.72 -19.14
N HIS B 78 11.08 -9.55 -18.52
CA HIS B 78 11.55 -8.31 -19.12
C HIS B 78 13.02 -8.07 -18.84
N LEU B 79 13.73 -9.11 -18.40
CA LEU B 79 15.16 -9.02 -18.15
C LEU B 79 15.96 -9.97 -19.03
N LYS B 80 15.29 -10.99 -19.56
CA LYS B 80 15.96 -12.00 -20.37
C LYS B 80 15.97 -11.61 -21.84
N ALA B 81 15.60 -10.36 -22.13
CA ALA B 81 15.50 -9.88 -23.51
C ALA B 81 16.24 -8.55 -23.70
N LEU B 82 17.34 -8.38 -22.95
CA LEU B 82 18.14 -7.16 -23.04
C LEU B 82 19.42 -7.41 -23.81
N ASP B 83 19.93 -6.34 -24.44
CA ASP B 83 21.12 -6.43 -25.27
C ASP B 83 22.36 -6.73 -24.42
N GLY B 84 22.56 -8.02 -24.13
CA GLY B 84 23.70 -8.47 -23.35
C GLY B 84 23.29 -9.46 -22.26
N ALA B 85 21.99 -9.70 -22.16
CA ALA B 85 21.46 -10.57 -21.12
C ALA B 85 21.79 -12.04 -21.38
N ALA B 86 21.56 -12.49 -22.60
CA ALA B 86 21.77 -13.89 -22.96
C ALA B 86 23.20 -14.37 -22.67
N GLU B 87 24.15 -13.45 -22.72
CA GLU B 87 25.56 -13.79 -22.57
C GLU B 87 26.13 -13.46 -21.20
N ARG B 88 25.55 -12.47 -20.53
CA ARG B 88 26.15 -11.93 -19.31
C ARG B 88 25.13 -11.60 -18.21
N LEU B 89 23.88 -12.04 -18.36
CA LEU B 89 22.91 -11.95 -17.27
C LEU B 89 22.74 -13.31 -16.62
N ILE B 90 22.79 -13.32 -15.29
CA ILE B 90 22.64 -14.55 -14.51
C ILE B 90 21.69 -14.30 -13.36
N LEU B 91 20.47 -14.82 -13.46
CA LEU B 91 19.47 -14.62 -12.43
C LEU B 91 19.66 -15.59 -11.27
N CYS B 92 20.04 -15.05 -10.11
CA CYS B 92 20.29 -15.84 -8.92
C CYS B 92 19.06 -15.87 -8.02
N LYS B 93 18.64 -17.07 -7.64
CA LYS B 93 17.52 -17.23 -6.73
C LYS B 93 17.99 -16.88 -5.32
N ALA B 94 17.35 -15.91 -4.70
CA ALA B 94 17.73 -15.47 -3.37
C ALA B 94 16.72 -14.48 -2.77
N ASP B 95 16.17 -14.84 -1.61
CA ASP B 95 15.44 -13.88 -0.80
C ASP B 95 16.49 -12.99 -0.14
N LEU B 96 16.09 -11.81 0.31
CA LEU B 96 17.06 -10.86 0.87
C LEU B 96 17.47 -11.24 2.28
N LEU B 97 16.64 -12.04 2.94
CA LEU B 97 16.90 -12.47 4.31
C LEU B 97 17.55 -13.84 4.37
N ASP B 98 17.94 -14.36 3.21
CA ASP B 98 18.66 -15.62 3.12
C ASP B 98 20.15 -15.34 2.90
N TYR B 99 20.88 -15.21 4.00
CA TYR B 99 22.31 -14.85 3.97
C TYR B 99 23.11 -15.66 2.95
N ASP B 100 22.98 -16.97 3.00
CA ASP B 100 23.75 -17.85 2.12
C ASP B 100 23.36 -17.65 0.67
N ALA B 101 22.08 -17.41 0.42
CA ALA B 101 21.59 -17.19 -0.93
C ALA B 101 22.22 -15.93 -1.50
N ILE B 102 22.41 -14.92 -0.66
CA ILE B 102 23.07 -13.70 -1.08
C ILE B 102 24.53 -13.98 -1.41
N CYS B 103 25.19 -14.69 -0.50
N CYS B 103 25.20 -14.69 -0.51
CA CYS B 103 26.61 -15.03 -0.64
CA CYS B 103 26.62 -14.96 -0.68
C CYS B 103 26.87 -15.79 -1.93
C CYS B 103 26.88 -15.82 -1.92
N ARG B 104 25.90 -16.63 -2.30
CA ARG B 104 25.98 -17.40 -3.52
C ARG B 104 25.95 -16.46 -4.71
N ALA B 105 25.16 -15.39 -4.57
CA ALA B 105 24.99 -14.41 -5.63
C ALA B 105 26.12 -13.37 -5.65
N VAL B 106 26.57 -12.93 -4.49
CA VAL B 106 27.61 -11.91 -4.43
C VAL B 106 28.97 -12.49 -4.81
N GLN B 107 29.16 -13.78 -4.55
CA GLN B 107 30.41 -14.45 -4.91
C GLN B 107 30.40 -14.73 -6.41
N GLY B 108 31.47 -14.44 -7.17
CA GLY B 108 32.62 -13.64 -6.77
C GLY B 108 32.61 -12.38 -7.61
N CYS B 109 32.03 -11.32 -7.05
CA CYS B 109 31.81 -10.07 -7.77
C CYS B 109 32.76 -8.99 -7.31
N GLN B 110 33.14 -8.12 -8.23
CA GLN B 110 34.04 -7.02 -7.93
C GLN B 110 33.26 -5.80 -7.45
N GLY B 111 31.94 -5.86 -7.59
CA GLY B 111 31.08 -4.78 -7.16
C GLY B 111 29.68 -5.28 -6.89
N VAL B 112 28.94 -4.57 -6.05
CA VAL B 112 27.59 -4.97 -5.68
C VAL B 112 26.68 -3.75 -5.56
N PHE B 113 25.47 -3.88 -6.10
CA PHE B 113 24.49 -2.81 -6.06
C PHE B 113 23.25 -3.24 -5.30
N HIS B 114 23.21 -2.91 -4.02
CA HIS B 114 22.10 -3.32 -3.17
C HIS B 114 20.91 -2.37 -3.34
N THR B 115 20.00 -2.71 -4.24
CA THR B 115 18.83 -1.90 -4.52
C THR B 115 17.56 -2.50 -3.91
N ALA B 116 17.58 -3.81 -3.70
CA ALA B 116 16.41 -4.49 -3.15
C ALA B 116 16.06 -3.96 -1.76
N SER B 117 14.77 -3.78 -1.52
CA SER B 117 14.29 -3.28 -0.24
C SER B 117 12.76 -3.29 -0.21
N PRO B 118 12.17 -3.42 0.98
CA PRO B 118 10.72 -3.22 1.06
C PRO B 118 10.36 -1.75 0.85
N VAL B 119 9.21 -1.49 0.23
CA VAL B 119 8.70 -0.13 0.10
C VAL B 119 7.27 -0.08 0.64
N THR B 120 7.17 0.15 1.95
CA THR B 120 5.87 0.20 2.60
C THR B 120 5.99 0.83 3.99
N ASP B 121 4.85 1.30 4.51
CA ASP B 121 4.81 1.92 5.83
C ASP B 121 4.52 0.89 6.93
N ASP B 122 4.40 -0.38 6.55
CA ASP B 122 4.25 -1.44 7.53
C ASP B 122 5.62 -1.71 8.16
N PRO B 123 5.80 -1.34 9.44
CA PRO B 123 7.13 -1.47 10.03
C PRO B 123 7.55 -2.92 10.21
N GLU B 124 6.58 -3.81 10.32
CA GLU B 124 6.85 -5.23 10.51
C GLU B 124 7.50 -5.83 9.28
N GLN B 125 7.17 -5.31 8.10
CA GLN B 125 7.74 -5.80 6.84
C GLN B 125 8.78 -4.85 6.26
N MET B 126 9.06 -3.76 6.97
CA MET B 126 9.96 -2.73 6.45
C MET B 126 11.25 -2.63 7.26
N VAL B 127 11.10 -2.35 8.56
CA VAL B 127 12.22 -1.94 9.38
C VAL B 127 13.26 -3.04 9.54
N GLU B 128 12.85 -4.19 10.07
CA GLU B 128 13.78 -5.25 10.39
C GLU B 128 14.25 -5.97 9.11
N PRO B 129 13.33 -6.20 8.16
CA PRO B 129 13.78 -6.82 6.90
C PRO B 129 14.75 -5.95 6.09
N ALA B 130 14.73 -4.64 6.32
CA ALA B 130 15.61 -3.73 5.60
C ALA B 130 17.00 -3.71 6.22
N VAL B 131 17.04 -3.65 7.54
CA VAL B 131 18.32 -3.60 8.25
C VAL B 131 19.01 -4.95 8.19
N ARG B 132 18.26 -6.02 8.34
CA ARG B 132 18.83 -7.37 8.27
C ARG B 132 19.27 -7.68 6.85
N GLY B 133 18.41 -7.38 5.88
CA GLY B 133 18.71 -7.63 4.48
C GLY B 133 19.93 -6.86 4.02
N THR B 134 20.05 -5.62 4.48
CA THR B 134 21.17 -4.78 4.11
C THR B 134 22.46 -5.28 4.76
N GLU B 135 22.38 -5.61 6.05
CA GLU B 135 23.55 -6.08 6.78
C GLU B 135 24.06 -7.40 6.21
N TYR B 136 23.14 -8.22 5.69
CA TYR B 136 23.50 -9.47 5.04
C TYR B 136 24.38 -9.22 3.81
N VAL B 137 24.00 -8.21 3.01
CA VAL B 137 24.76 -7.87 1.80
C VAL B 137 26.18 -7.45 2.15
N ILE B 138 26.30 -6.50 3.08
CA ILE B 138 27.61 -5.99 3.47
C ILE B 138 28.48 -7.13 3.98
N ASN B 139 27.92 -7.96 4.85
CA ASN B 139 28.63 -9.12 5.36
C ASN B 139 28.98 -10.10 4.24
N ALA B 140 28.00 -10.40 3.41
CA ALA B 140 28.19 -11.29 2.27
C ALA B 140 29.26 -10.75 1.33
N ALA B 141 29.22 -9.45 1.11
CA ALA B 141 30.17 -8.79 0.21
C ALA B 141 31.57 -8.74 0.80
N ALA B 142 31.65 -8.63 2.13
CA ALA B 142 32.95 -8.64 2.78
C ALA B 142 33.53 -10.06 2.77
N GLU B 143 32.65 -11.05 2.85
CA GLU B 143 33.07 -12.44 2.87
C GLU B 143 33.74 -12.83 1.54
N ALA B 144 33.08 -12.51 0.44
CA ALA B 144 33.57 -12.81 -0.90
C ALA B 144 35.04 -12.42 -1.11
N GLY B 145 35.44 -11.30 -0.54
CA GLY B 145 36.81 -10.84 -0.64
C GLY B 145 37.21 -10.35 -2.01
N THR B 146 36.24 -10.27 -2.93
CA THR B 146 36.50 -9.83 -4.30
C THR B 146 35.91 -8.44 -4.55
N VAL B 147 34.92 -8.08 -3.74
CA VAL B 147 34.21 -6.81 -3.89
C VAL B 147 35.06 -5.60 -3.49
N ARG B 148 35.30 -4.70 -4.44
CA ARG B 148 36.08 -3.50 -4.15
C ARG B 148 35.16 -2.38 -3.68
N ARG B 149 33.89 -2.42 -4.08
CA ARG B 149 32.93 -1.39 -3.70
C ARG B 149 31.48 -1.87 -3.74
N VAL B 150 30.73 -1.51 -2.71
CA VAL B 150 29.29 -1.75 -2.65
C VAL B 150 28.54 -0.43 -2.80
N VAL B 151 27.43 -0.46 -3.54
CA VAL B 151 26.59 0.72 -3.71
C VAL B 151 25.19 0.47 -3.14
N PHE B 152 24.87 1.14 -2.04
CA PHE B 152 23.57 1.00 -1.40
C PHE B 152 22.59 2.07 -1.87
N THR B 153 21.35 1.67 -2.08
CA THR B 153 20.28 2.59 -2.46
C THR B 153 19.45 3.03 -1.26
N SER B 154 19.81 4.18 -0.69
CA SER B 154 19.01 4.77 0.37
C SER B 154 17.90 5.61 -0.27
N SER B 155 17.30 6.51 0.50
CA SER B 155 16.23 7.37 0.00
C SER B 155 16.31 8.77 0.58
N ILE B 156 15.51 9.68 0.03
CA ILE B 156 15.40 11.03 0.56
C ILE B 156 14.65 10.98 1.89
N GLY B 157 13.96 9.88 2.14
CA GLY B 157 13.29 9.66 3.40
C GLY B 157 14.25 9.69 4.57
N ALA B 158 15.53 9.48 4.28
CA ALA B 158 16.58 9.56 5.28
C ALA B 158 17.34 10.87 5.15
N VAL B 159 16.66 11.90 4.64
CA VAL B 159 17.30 13.19 4.39
C VAL B 159 16.43 14.36 4.81
N THR B 160 15.27 14.50 4.16
CA THR B 160 14.45 15.71 4.28
C THR B 160 13.39 15.63 5.37
N MET B 161 13.30 14.50 6.07
CA MET B 161 12.27 14.32 7.09
C MET B 161 12.72 14.86 8.44
N ASP B 162 12.69 16.19 8.58
CA ASP B 162 13.05 16.85 9.82
C ASP B 162 12.39 18.23 9.90
N PRO B 163 11.25 18.31 10.61
CA PRO B 163 10.53 19.59 10.68
C PRO B 163 11.29 20.68 11.43
N SER B 164 12.38 20.30 12.09
CA SER B 164 13.25 21.27 12.77
C SER B 164 14.16 21.95 11.76
N ARG B 165 14.24 21.40 10.56
CA ARG B 165 15.07 21.96 9.50
C ARG B 165 14.54 23.32 9.04
N GLY B 166 15.45 24.27 8.87
CA GLY B 166 15.07 25.60 8.44
C GLY B 166 14.64 25.61 6.98
N PRO B 167 13.98 26.69 6.54
CA PRO B 167 13.57 26.81 5.13
C PRO B 167 14.68 27.34 4.24
N ASP B 168 15.66 28.01 4.83
CA ASP B 168 16.72 28.65 4.07
C ASP B 168 17.87 27.70 3.78
N VAL B 169 18.10 26.75 4.68
CA VAL B 169 19.23 25.84 4.55
C VAL B 169 19.10 24.97 3.30
N VAL B 170 20.24 24.70 2.66
CA VAL B 170 20.27 23.87 1.47
C VAL B 170 20.35 22.40 1.86
N VAL B 171 19.32 21.64 1.49
CA VAL B 171 19.32 20.20 1.72
C VAL B 171 20.39 19.54 0.87
N ASP B 172 21.45 19.07 1.53
CA ASP B 172 22.52 18.35 0.85
C ASP B 172 22.71 17.00 1.50
N GLU B 173 23.87 16.39 1.28
CA GLU B 173 24.13 15.03 1.74
C GLU B 173 24.26 14.95 3.26
N SER B 174 24.66 16.05 3.90
CA SER B 174 24.88 16.07 5.33
C SER B 174 23.60 16.30 6.13
N CYS B 175 22.45 16.17 5.47
CA CYS B 175 21.16 16.33 6.12
C CYS B 175 20.57 14.97 6.47
N TRP B 176 20.19 14.80 7.73
CA TRP B 176 19.59 13.55 8.20
C TRP B 176 18.21 13.78 8.78
N SER B 177 17.45 12.71 8.90
CA SER B 177 16.06 12.78 9.36
C SER B 177 15.94 12.63 10.88
N ASP B 178 14.88 13.19 11.44
CA ASP B 178 14.55 13.00 12.84
C ASP B 178 13.78 11.70 12.97
N LEU B 179 14.42 10.68 13.54
CA LEU B 179 13.84 9.35 13.64
C LEU B 179 12.60 9.36 14.55
N GLU B 180 12.58 10.26 15.52
CA GLU B 180 11.43 10.39 16.40
C GLU B 180 10.23 10.91 15.63
N PHE B 181 10.48 11.90 14.79
CA PHE B 181 9.44 12.49 13.94
C PHE B 181 8.84 11.46 12.99
N CYS B 182 9.67 10.55 12.50
CA CYS B 182 9.20 9.48 11.63
C CYS B 182 8.26 8.52 12.36
N LYS B 183 8.61 8.19 13.60
CA LYS B 183 7.85 7.21 14.38
C LYS B 183 6.50 7.78 14.82
N LYS B 184 6.49 9.07 15.16
CA LYS B 184 5.27 9.72 15.61
C LYS B 184 4.26 9.87 14.47
N THR B 185 4.77 10.01 13.26
CA THR B 185 3.93 10.24 12.08
C THR B 185 3.75 8.97 11.24
N ARG B 186 4.22 7.85 11.77
CA ARG B 186 4.04 6.55 11.13
C ARG B 186 4.78 6.46 9.79
N ASN B 187 5.77 7.33 9.60
CA ASN B 187 6.61 7.28 8.41
C ASN B 187 7.67 6.19 8.55
N TRP B 188 7.26 4.96 8.31
CA TRP B 188 8.12 3.80 8.56
C TRP B 188 9.01 3.47 7.37
N TYR B 189 8.60 3.86 6.17
CA TYR B 189 9.46 3.70 5.00
C TYR B 189 10.68 4.61 5.13
N CYS B 190 10.46 5.82 5.61
CA CYS B 190 11.54 6.77 5.83
C CYS B 190 12.39 6.33 7.00
N TYR B 191 11.73 5.78 8.01
CA TYR B 191 12.42 5.23 9.17
C TYR B 191 13.35 4.10 8.74
N GLY B 192 12.77 3.07 8.14
CA GLY B 192 13.50 1.88 7.75
C GLY B 192 14.66 2.17 6.82
N LYS B 193 14.42 3.08 5.88
CA LYS B 193 15.43 3.46 4.91
C LYS B 193 16.62 4.14 5.61
N ALA B 194 16.31 4.95 6.62
CA ALA B 194 17.33 5.65 7.39
C ALA B 194 18.18 4.68 8.20
N VAL B 195 17.53 3.78 8.93
CA VAL B 195 18.23 2.83 9.78
C VAL B 195 19.04 1.85 8.93
N ALA B 196 18.45 1.41 7.82
CA ALA B 196 19.11 0.45 6.96
C ALA B 196 20.39 1.04 6.38
N GLU B 197 20.39 2.36 6.15
CA GLU B 197 21.59 3.02 5.62
C GLU B 197 22.66 3.15 6.70
N GLN B 198 22.28 3.62 7.87
CA GLN B 198 23.23 3.80 8.96
C GLN B 198 23.79 2.44 9.37
N ALA B 199 22.98 1.40 9.24
CA ALA B 199 23.43 0.04 9.50
C ALA B 199 24.48 -0.37 8.47
N ALA B 200 24.28 0.09 7.24
CA ALA B 200 25.22 -0.21 6.16
C ALA B 200 26.51 0.56 6.34
N TRP B 201 26.41 1.80 6.81
CA TRP B 201 27.60 2.60 7.09
C TRP B 201 28.39 1.97 8.23
N ASP B 202 27.69 1.50 9.26
CA ASP B 202 28.32 0.80 10.36
C ASP B 202 28.93 -0.51 9.86
N ALA B 203 28.09 -1.36 9.28
CA ALA B 203 28.51 -2.68 8.80
C ALA B 203 29.72 -2.59 7.88
N ALA B 204 29.76 -1.54 7.06
CA ALA B 204 30.85 -1.34 6.13
C ALA B 204 32.15 -1.06 6.87
N ARG B 205 32.07 -0.25 7.93
CA ARG B 205 33.24 0.14 8.69
C ARG B 205 33.75 -1.03 9.54
N GLN B 206 32.81 -1.76 10.13
CA GLN B 206 33.14 -2.88 11.00
C GLN B 206 33.88 -3.99 10.25
N ARG B 207 33.53 -4.15 8.98
N ARG B 207 33.54 -4.17 8.98
CA ARG B 207 34.12 -5.18 8.13
CA ARG B 207 34.16 -5.19 8.15
C ARG B 207 35.13 -4.59 7.15
C ARG B 207 35.14 -4.59 7.15
N GLY B 208 35.17 -3.26 7.05
CA GLY B 208 36.15 -2.58 6.22
C GLY B 208 35.95 -2.75 4.73
N VAL B 209 34.69 -2.73 4.29
CA VAL B 209 34.36 -2.78 2.87
C VAL B 209 33.97 -1.40 2.37
N ASP B 210 34.42 -1.05 1.17
CA ASP B 210 34.15 0.26 0.58
C ASP B 210 32.65 0.43 0.29
N LEU B 211 32.07 1.49 0.86
CA LEU B 211 30.66 1.79 0.66
C LEU B 211 30.47 3.21 0.13
N VAL B 212 29.46 3.38 -0.71
CA VAL B 212 29.05 4.68 -1.19
C VAL B 212 27.55 4.64 -1.47
N VAL B 213 26.83 5.66 -1.02
CA VAL B 213 25.37 5.65 -1.05
C VAL B 213 24.78 6.64 -2.05
N VAL B 214 23.65 6.27 -2.65
CA VAL B 214 22.90 7.13 -3.55
C VAL B 214 21.50 7.35 -3.01
N ASN B 215 21.12 8.62 -2.83
CA ASN B 215 19.81 8.97 -2.29
C ASN B 215 18.88 9.56 -3.36
N PRO B 216 18.18 8.70 -4.11
CA PRO B 216 17.19 9.21 -5.05
C PRO B 216 15.93 9.72 -4.35
N VAL B 217 15.29 10.73 -4.93
CA VAL B 217 14.04 11.25 -4.42
C VAL B 217 12.90 10.45 -5.07
N LEU B 218 11.70 11.00 -5.11
CA LEU B 218 10.61 10.30 -5.78
C LEU B 218 10.96 10.11 -7.25
N VAL B 219 11.25 8.87 -7.62
CA VAL B 219 11.70 8.54 -8.97
C VAL B 219 10.52 8.42 -9.92
N VAL B 220 10.74 8.75 -11.18
CA VAL B 220 9.69 8.70 -12.19
C VAL B 220 10.33 8.56 -13.57
N GLY B 221 9.58 8.02 -14.53
CA GLY B 221 10.10 7.76 -15.85
C GLY B 221 9.48 6.53 -16.47
N PRO B 222 10.05 6.05 -17.59
CA PRO B 222 9.52 4.85 -18.26
C PRO B 222 9.72 3.56 -17.46
N LEU B 223 8.70 2.70 -17.48
CA LEU B 223 8.75 1.44 -16.76
C LEU B 223 9.14 0.29 -17.69
N LEU B 224 10.19 -0.42 -17.32
CA LEU B 224 10.61 -1.61 -18.06
C LEU B 224 9.85 -2.82 -17.54
N GLN B 225 9.56 -2.81 -16.24
CA GLN B 225 8.85 -3.92 -15.61
C GLN B 225 7.35 -3.81 -15.86
N PRO B 226 6.64 -4.95 -15.90
CA PRO B 226 5.22 -4.98 -16.28
C PRO B 226 4.28 -4.45 -15.20
N THR B 227 4.78 -4.28 -13.99
CA THR B 227 3.94 -3.92 -12.85
C THR B 227 4.18 -2.47 -12.43
N VAL B 228 3.15 -1.85 -11.85
CA VAL B 228 3.24 -0.46 -11.40
C VAL B 228 3.79 -0.39 -9.98
N ASN B 229 4.93 0.27 -9.82
CA ASN B 229 5.56 0.39 -8.51
C ASN B 229 5.02 1.57 -7.71
N ALA B 230 5.58 1.79 -6.52
CA ALA B 230 5.04 2.74 -5.56
C ALA B 230 5.14 4.20 -6.00
N SER B 231 6.26 4.57 -6.61
CA SER B 231 6.48 5.97 -7.01
C SER B 231 5.60 6.35 -8.19
N ILE B 232 5.46 5.43 -9.14
CA ILE B 232 4.62 5.65 -10.31
C ILE B 232 3.15 5.74 -9.88
N ALA B 233 2.81 5.06 -8.79
CA ALA B 233 1.45 5.09 -8.28
C ALA B 233 1.08 6.50 -7.81
N HIS B 234 2.07 7.26 -7.38
CA HIS B 234 1.84 8.63 -6.94
C HIS B 234 1.59 9.54 -8.14
N VAL B 235 2.11 9.15 -9.29
CA VAL B 235 1.94 9.89 -10.53
C VAL B 235 0.64 9.48 -11.23
N LEU B 236 0.38 8.18 -11.24
CA LEU B 236 -0.73 7.61 -12.00
C LEU B 236 -2.09 7.88 -11.36
N LYS B 237 -2.11 8.17 -10.06
CA LYS B 237 -3.37 8.38 -9.36
C LYS B 237 -4.02 9.71 -9.78
N TYR B 238 -3.26 10.54 -10.49
CA TYR B 238 -3.79 11.79 -11.04
C TYR B 238 -4.42 11.56 -12.42
N LEU B 239 -3.91 10.55 -13.12
CA LEU B 239 -4.27 10.33 -14.52
C LEU B 239 -5.40 9.31 -14.70
N ASP B 240 -5.82 8.66 -13.62
CA ASP B 240 -6.92 7.69 -13.68
C ASP B 240 -8.07 8.07 -12.77
N GLY B 241 -8.01 9.27 -12.21
CA GLY B 241 -9.11 9.80 -11.42
C GLY B 241 -9.23 9.25 -10.02
N SER B 242 -8.17 8.58 -9.55
CA SER B 242 -8.16 8.09 -8.17
C SER B 242 -8.17 9.26 -7.19
N ALA B 243 -7.61 10.38 -7.62
CA ALA B 243 -7.53 11.59 -6.80
C ALA B 243 -8.30 12.74 -7.46
N ARG B 244 -9.21 13.33 -6.69
CA ARG B 244 -9.97 14.49 -7.14
C ARG B 244 -9.34 15.80 -6.68
N THR B 245 -8.32 15.69 -5.82
CA THR B 245 -7.59 16.85 -5.33
C THR B 245 -6.13 16.49 -5.10
N PHE B 246 -5.32 17.49 -4.81
CA PHE B 246 -3.91 17.29 -4.48
C PHE B 246 -3.57 18.00 -3.17
N ALA B 247 -2.68 17.39 -2.40
CA ALA B 247 -2.33 17.91 -1.08
C ALA B 247 -1.52 19.19 -1.21
N ASN B 248 -1.48 19.96 -0.12
CA ASN B 248 -0.69 21.17 -0.06
C ASN B 248 0.72 20.87 0.43
N ALA B 249 1.50 20.19 -0.41
CA ALA B 249 2.84 19.74 -0.03
C ALA B 249 3.80 19.84 -1.21
N VAL B 250 5.09 19.64 -0.91
CA VAL B 250 6.13 19.67 -1.92
C VAL B 250 6.96 18.39 -1.89
N GLN B 251 7.75 18.16 -2.94
N GLN B 251 7.76 18.18 -2.93
CA GLN B 251 8.62 17.00 -3.01
CA GLN B 251 8.57 16.97 -3.05
C GLN B 251 9.56 17.12 -4.20
C GLN B 251 9.54 17.12 -4.21
N ALA B 252 10.68 16.43 -4.13
CA ALA B 252 11.68 16.45 -5.19
C ALA B 252 11.42 15.33 -6.19
N TYR B 253 11.91 15.49 -7.42
CA TYR B 253 11.69 14.50 -8.48
C TYR B 253 12.97 14.25 -9.27
N VAL B 254 13.06 13.06 -9.85
CA VAL B 254 14.23 12.65 -10.63
C VAL B 254 13.80 11.60 -11.64
N ASP B 255 14.55 11.49 -12.74
CA ASP B 255 14.26 10.45 -13.72
C ASP B 255 14.87 9.13 -13.27
N VAL B 256 14.20 8.04 -13.61
CA VAL B 256 14.66 6.71 -13.24
C VAL B 256 16.01 6.39 -13.87
N ARG B 257 16.25 6.92 -15.06
CA ARG B 257 17.50 6.68 -15.76
C ARG B 257 18.62 7.52 -15.14
N ASP B 258 18.27 8.67 -14.58
CA ASP B 258 19.24 9.52 -13.90
C ASP B 258 19.76 8.81 -12.66
N VAL B 259 18.89 8.00 -12.05
CA VAL B 259 19.25 7.23 -10.86
C VAL B 259 20.17 6.07 -11.24
N ALA B 260 19.72 5.24 -12.17
CA ALA B 260 20.49 4.10 -12.63
C ALA B 260 21.86 4.53 -13.13
N ASP B 261 21.92 5.72 -13.72
CA ASP B 261 23.17 6.27 -14.21
C ASP B 261 24.06 6.73 -13.05
N ALA B 262 23.43 7.18 -11.97
CA ALA B 262 24.14 7.69 -10.81
C ALA B 262 24.87 6.57 -10.09
N HIS B 263 24.17 5.46 -9.89
CA HIS B 263 24.74 4.29 -9.23
C HIS B 263 25.99 3.80 -9.94
N LEU B 264 25.96 3.89 -11.26
CA LEU B 264 27.05 3.41 -12.10
C LEU B 264 28.22 4.37 -12.15
N ARG B 265 27.93 5.66 -12.04
CA ARG B 265 28.98 6.67 -12.08
C ARG B 265 29.72 6.72 -10.74
N VAL B 266 28.98 6.62 -9.65
CA VAL B 266 29.56 6.65 -8.32
C VAL B 266 30.37 5.38 -8.04
N PHE B 267 30.10 4.33 -8.81
CA PHE B 267 30.83 3.08 -8.65
C PHE B 267 32.16 3.10 -9.39
N GLU B 268 32.14 3.57 -10.63
CA GLU B 268 33.32 3.58 -11.48
C GLU B 268 34.31 4.66 -11.06
N SER B 269 33.80 5.75 -10.48
CA SER B 269 34.66 6.85 -10.05
C SER B 269 35.47 6.45 -8.82
N PRO B 270 36.80 6.31 -8.96
CA PRO B 270 37.62 5.83 -7.85
C PRO B 270 37.51 6.67 -6.58
N ALA B 271 37.55 7.99 -6.73
CA ALA B 271 37.52 8.90 -5.59
C ALA B 271 36.12 9.05 -5.01
N ALA B 272 35.14 8.41 -5.65
CA ALA B 272 33.76 8.51 -5.19
C ALA B 272 33.62 7.98 -3.77
N SER B 273 32.99 8.78 -2.91
CA SER B 273 32.81 8.39 -1.53
C SER B 273 31.71 9.20 -0.86
N GLY B 274 31.14 8.66 0.21
CA GLY B 274 30.11 9.35 0.95
C GLY B 274 28.73 9.17 0.36
N ARG B 275 27.82 10.06 0.75
CA ARG B 275 26.47 10.08 0.21
C ARG B 275 26.42 10.82 -1.12
N TYR B 276 25.34 10.60 -1.86
CA TYR B 276 25.12 11.29 -3.14
C TYR B 276 23.64 11.57 -3.33
N LEU B 277 23.25 12.82 -3.09
CA LEU B 277 21.87 13.22 -3.30
C LEU B 277 21.57 13.23 -4.81
N CYS B 278 20.41 12.68 -5.17
CA CYS B 278 20.06 12.47 -6.57
C CYS B 278 18.67 13.00 -6.89
N ALA B 279 18.62 14.23 -7.39
CA ALA B 279 17.36 14.90 -7.73
C ALA B 279 17.60 15.93 -8.83
N GLU B 280 16.54 16.26 -9.56
CA GLU B 280 16.61 17.25 -10.63
C GLU B 280 16.05 18.59 -10.15
N ARG B 281 14.89 18.56 -9.51
CA ARG B 281 14.27 19.77 -8.98
C ARG B 281 13.19 19.47 -7.95
N VAL B 282 12.74 20.50 -7.26
CA VAL B 282 11.67 20.40 -6.26
C VAL B 282 10.42 21.09 -6.78
N LEU B 283 9.30 20.37 -6.75
CA LEU B 283 8.03 20.89 -7.26
C LEU B 283 6.92 20.82 -6.22
N HIS B 284 5.95 21.71 -6.37
CA HIS B 284 4.72 21.67 -5.57
C HIS B 284 3.77 20.71 -6.25
N ARG B 285 2.79 20.20 -5.51
CA ARG B 285 1.80 19.29 -6.07
C ARG B 285 1.10 19.94 -7.26
N GLU B 286 0.79 21.23 -7.11
CA GLU B 286 0.16 22.03 -8.14
C GLU B 286 0.98 22.04 -9.44
N ASP B 287 2.28 22.28 -9.32
CA ASP B 287 3.15 22.36 -10.50
C ASP B 287 3.18 21.05 -11.27
N VAL B 288 3.03 19.94 -10.56
CA VAL B 288 3.02 18.62 -11.18
C VAL B 288 1.75 18.42 -12.00
N VAL B 289 0.60 18.64 -11.38
CA VAL B 289 -0.68 18.44 -12.05
C VAL B 289 -0.88 19.46 -13.17
N ARG B 290 -0.09 20.52 -13.14
CA ARG B 290 -0.11 21.52 -14.21
C ARG B 290 0.57 20.96 -15.45
N ILE B 291 1.76 20.39 -15.26
CA ILE B 291 2.51 19.79 -16.36
C ILE B 291 1.71 18.68 -17.04
N LEU B 292 0.94 17.94 -16.24
CA LEU B 292 0.14 16.85 -16.77
C LEU B 292 -1.10 17.36 -17.48
N ALA B 293 -1.68 18.44 -16.97
CA ALA B 293 -2.85 19.06 -17.61
C ALA B 293 -2.47 19.66 -18.96
N LYS B 294 -1.24 20.18 -19.05
CA LYS B 294 -0.75 20.77 -20.29
C LYS B 294 -0.65 19.74 -21.42
N LEU B 295 0.06 18.65 -21.16
CA LEU B 295 0.38 17.68 -22.20
C LEU B 295 -0.67 16.58 -22.30
N PHE B 296 -1.56 16.50 -21.31
CA PHE B 296 -2.58 15.48 -21.28
C PHE B 296 -3.87 16.01 -20.65
N PRO B 297 -4.60 16.86 -21.41
CA PRO B 297 -5.86 17.44 -20.95
C PRO B 297 -7.06 16.51 -21.09
N GLU B 298 -6.85 15.34 -21.72
CA GLU B 298 -7.93 14.38 -21.90
C GLU B 298 -8.10 13.49 -20.67
N TYR B 299 -7.22 13.67 -19.69
CA TYR B 299 -7.28 12.89 -18.45
C TYR B 299 -7.84 13.75 -17.33
N PRO B 300 -8.41 13.11 -16.29
CA PRO B 300 -9.08 13.83 -15.21
C PRO B 300 -8.12 14.26 -14.09
N VAL B 301 -7.03 14.92 -14.47
CA VAL B 301 -6.06 15.41 -13.50
C VAL B 301 -6.71 16.44 -12.57
N PRO B 302 -6.31 16.45 -11.28
CA PRO B 302 -6.93 17.42 -10.36
C PRO B 302 -6.56 18.87 -10.69
N THR B 303 -7.35 19.81 -10.18
CA THR B 303 -7.07 21.23 -10.33
C THR B 303 -7.18 21.93 -8.98
N ARG B 304 -8.05 21.41 -8.12
CA ARG B 304 -8.28 21.96 -6.80
C ARG B 304 -7.34 21.35 -5.77
N CYS B 305 -6.94 22.17 -4.79
CA CYS B 305 -6.05 21.75 -3.72
C CYS B 305 -6.90 21.42 -2.49
N SER B 306 -6.46 20.46 -1.67
CA SER B 306 -7.24 20.07 -0.50
C SER B 306 -7.17 21.17 0.56
N ASP B 307 -6.11 21.95 0.50
CA ASP B 307 -5.90 23.09 1.39
C ASP B 307 -6.04 24.39 0.59
N GLU B 308 -7.09 25.15 0.87
CA GLU B 308 -7.35 26.41 0.18
C GLU B 308 -7.44 27.57 1.17
N VAL B 309 -6.84 27.39 2.34
CA VAL B 309 -6.95 28.36 3.42
C VAL B 309 -5.57 28.73 4.01
N ASN B 310 -4.61 27.81 3.89
CA ASN B 310 -3.25 28.08 4.36
C ASN B 310 -2.30 28.37 3.20
N PRO B 311 -1.19 29.06 3.46
CA PRO B 311 -0.22 29.41 2.42
C PRO B 311 0.47 28.19 1.82
N ARG B 312 0.59 28.15 0.50
CA ARG B 312 1.23 27.03 -0.20
C ARG B 312 2.65 26.79 0.30
N LYS B 313 2.99 25.53 0.56
CA LYS B 313 4.32 25.17 1.00
C LYS B 313 5.33 25.45 -0.12
N GLN B 314 6.39 26.19 0.19
CA GLN B 314 7.37 26.53 -0.83
C GLN B 314 8.48 25.47 -0.91
N PRO B 315 9.00 25.22 -2.12
CA PRO B 315 10.04 24.20 -2.29
C PRO B 315 11.34 24.59 -1.60
N TYR B 316 12.13 23.58 -1.22
CA TYR B 316 13.37 23.80 -0.48
C TYR B 316 14.59 23.77 -1.38
N LYS B 317 15.63 24.52 -1.01
CA LYS B 317 16.88 24.49 -1.75
C LYS B 317 17.53 23.13 -1.58
N PHE B 318 18.22 22.67 -2.61
CA PHE B 318 18.90 21.38 -2.55
C PHE B 318 20.16 21.40 -3.41
N SER B 319 21.03 20.41 -3.17
CA SER B 319 22.28 20.29 -3.91
C SER B 319 22.38 18.94 -4.60
N ASN B 320 22.75 18.96 -5.88
CA ASN B 320 23.07 17.75 -6.61
C ASN B 320 24.39 17.95 -7.33
N GLN B 321 25.32 18.60 -6.63
CA GLN B 321 26.61 18.96 -7.19
C GLN B 321 27.55 17.77 -7.21
N LYS B 322 27.43 16.89 -6.22
CA LYS B 322 28.29 15.72 -6.13
C LYS B 322 28.13 14.83 -7.35
N LEU B 323 26.89 14.62 -7.77
CA LEU B 323 26.61 13.83 -8.95
C LEU B 323 26.95 14.57 -10.24
N ARG B 324 26.70 15.88 -10.25
CA ARG B 324 27.03 16.71 -11.40
C ARG B 324 28.55 16.76 -11.59
N ASP B 325 29.28 16.86 -10.50
CA ASP B 325 30.74 16.86 -10.54
C ASP B 325 31.27 15.59 -11.21
N LEU B 326 30.46 14.53 -11.20
CA LEU B 326 30.80 13.29 -11.88
C LEU B 326 30.30 13.31 -13.32
N GLY B 327 29.91 14.49 -13.79
CA GLY B 327 29.51 14.67 -15.18
C GLY B 327 28.15 14.09 -15.51
N LEU B 328 27.17 14.32 -14.65
CA LEU B 328 25.82 13.83 -14.86
C LEU B 328 24.86 14.95 -15.25
N GLU B 329 24.33 14.87 -16.46
CA GLU B 329 23.34 15.81 -16.95
C GLU B 329 21.94 15.31 -16.70
N PHE B 330 21.24 15.93 -15.76
CA PHE B 330 19.90 15.48 -15.36
C PHE B 330 18.85 15.80 -16.41
N ARG B 331 17.97 14.83 -16.66
CA ARG B 331 16.85 15.02 -17.55
C ARG B 331 15.74 15.80 -16.85
N PRO B 332 15.16 16.82 -17.51
CA PRO B 332 14.06 17.56 -16.88
C PRO B 332 12.90 16.68 -16.45
N VAL B 333 12.23 17.07 -15.37
CA VAL B 333 11.10 16.31 -14.84
C VAL B 333 9.97 16.23 -15.87
N SER B 334 9.65 17.36 -16.48
CA SER B 334 8.57 17.45 -17.46
C SER B 334 8.80 16.46 -18.61
N GLN B 335 10.04 16.37 -19.07
CA GLN B 335 10.38 15.44 -20.13
C GLN B 335 10.23 13.99 -19.66
N SER B 336 10.59 13.74 -18.41
CA SER B 336 10.53 12.38 -17.86
C SER B 336 9.09 12.01 -17.52
N LEU B 337 8.30 12.98 -17.10
CA LEU B 337 6.89 12.75 -16.80
C LEU B 337 6.15 12.38 -18.07
N TYR B 338 6.63 12.89 -19.20
CA TYR B 338 6.00 12.64 -20.48
C TYR B 338 6.28 11.22 -20.94
N ASP B 339 7.53 10.80 -20.78
CA ASP B 339 7.93 9.44 -21.14
C ASP B 339 7.19 8.41 -20.28
N THR B 340 6.80 8.81 -19.08
CA THR B 340 6.05 7.95 -18.19
C THR B 340 4.65 7.68 -18.73
N VAL B 341 3.91 8.76 -19.00
CA VAL B 341 2.55 8.63 -19.51
C VAL B 341 2.54 7.90 -20.86
N LYS B 342 3.55 8.19 -21.67
CA LYS B 342 3.69 7.53 -22.97
C LYS B 342 4.00 6.06 -22.78
N ASN B 343 4.72 5.74 -21.73
CA ASN B 343 5.08 4.36 -21.42
C ASN B 343 3.90 3.60 -20.83
N LEU B 344 3.18 4.25 -19.91
CA LEU B 344 2.03 3.63 -19.26
C LEU B 344 0.96 3.26 -20.27
N GLN B 345 0.75 4.14 -21.25
CA GLN B 345 -0.22 3.90 -22.30
C GLN B 345 0.20 2.73 -23.17
N GLU B 346 1.49 2.68 -23.51
CA GLU B 346 2.02 1.62 -24.36
C GLU B 346 1.91 0.25 -23.70
N LYS B 347 1.85 0.25 -22.37
CA LYS B 347 1.85 -0.99 -21.60
C LYS B 347 0.48 -1.30 -21.00
N GLY B 348 -0.55 -0.61 -21.47
CA GLY B 348 -1.92 -0.93 -21.12
C GLY B 348 -2.37 -0.38 -19.79
N HIS B 349 -1.45 0.25 -19.05
CA HIS B 349 -1.77 0.78 -17.73
C HIS B 349 -2.72 1.97 -17.83
N LEU B 350 -2.70 2.65 -18.97
CA LEU B 350 -3.58 3.78 -19.21
C LEU B 350 -4.24 3.67 -20.60
N PRO B 351 -5.52 4.07 -20.70
CA PRO B 351 -6.20 4.00 -21.99
C PRO B 351 -5.77 5.11 -22.94
PA NAP C . -11.74 -4.27 -1.06
O1A NAP C . -10.27 -4.31 -1.31
O2A NAP C . -12.33 -5.58 -1.47
O5B NAP C . -12.42 -3.06 -1.96
C5B NAP C . -13.85 -3.02 -2.10
C4B NAP C . -14.27 -2.53 -3.50
O4B NAP C . -14.37 -1.22 -3.54
C3B NAP C . -13.21 -2.87 -4.59
O3B NAP C . -13.77 -3.66 -5.55
C2B NAP C . -12.80 -1.52 -5.18
O2B NAP C . -12.44 -1.67 -6.62
C1B NAP C . -13.88 -0.81 -5.02
N9A NAP C . -13.60 0.56 -5.11
C8A NAP C . -12.83 1.35 -4.34
N7A NAP C . -12.87 2.60 -4.84
C5A NAP C . -13.69 2.59 -5.93
C6A NAP C . -14.08 3.58 -6.80
N6A NAP C . -13.77 4.95 -6.84
N1A NAP C . -14.92 3.31 -7.82
C2A NAP C . -15.37 2.04 -8.00
N3A NAP C . -14.98 1.05 -7.13
C4A NAP C . -14.14 1.33 -6.09
O3 NAP C . -11.96 -3.98 0.49
PN NAP C . -13.09 -4.70 1.41
O1N NAP C . -14.08 -5.44 0.55
O2N NAP C . -12.41 -5.65 2.36
O5D NAP C . -13.87 -3.61 2.21
C5D NAP C . -15.17 -3.23 1.76
C4D NAP C . -15.72 -2.17 2.73
O4D NAP C . -15.57 -2.59 3.97
C3D NAP C . -14.88 -0.89 2.62
O3D NAP C . -15.65 0.19 2.84
C2D NAP C . -13.83 -1.08 3.74
O2D NAP C . -13.12 0.20 4.08
C1D NAP C . -14.59 -1.53 4.70
N1N NAP C . -13.90 -2.21 5.75
C2N NAP C . -13.17 -3.32 5.49
C3N NAP C . -12.50 -3.98 6.52
C7N NAP C . -11.65 -5.25 6.22
O7N NAP C . -10.95 -5.75 7.07
N7N NAP C . -11.71 -5.84 4.86
C4N NAP C . -12.61 -3.51 7.81
C5N NAP C . -13.36 -2.40 8.06
C6N NAP C . -14.01 -1.74 7.03
P2B NAP C . -10.88 -1.63 -7.01
O1X NAP C . -10.15 -2.84 -6.38
O2X NAP C . -10.75 -1.70 -8.51
O3X NAP C . -10.26 -0.34 -6.50
H51A NAP C . -14.20 -3.90 -1.97
H52A NAP C . -14.22 -2.43 -1.43
H4B NAP C . -15.14 -2.92 -3.75
H3B NAP C . -12.41 -3.34 -4.16
HO3A NAP C . -13.37 -3.52 -6.31
H2B NAP C . -12.05 -1.13 -4.67
H1B NAP C . -14.56 -1.06 -5.69
H8A NAP C . -12.29 1.05 -3.53
H61A NAP C . -13.10 5.28 -6.33
H62A NAP C . -14.24 5.52 -7.40
H2A NAP C . -15.98 1.83 -8.74
H51N NAP C . -15.76 -4.01 1.75
H52N NAP C . -15.11 -2.84 0.85
H4D NAP C . -16.63 -1.99 2.54
H3D NAP C . -14.45 -0.84 1.74
HO3N NAP C . -16.37 0.17 2.30
H2D NAP C . -13.19 -1.76 3.49
HO2N NAP C . -12.49 0.34 3.47
H1D NAP C . -15.13 -0.77 5.10
H2N NAP C . -13.09 -3.65 4.56
H71N NAP C . -11.22 -6.59 4.67
H72N NAP C . -12.24 -5.47 4.23
H4N NAP C . -12.17 -3.95 8.51
H5N NAP C . -13.44 -2.05 8.99
H6N NAP C . -14.54 -0.96 7.22
C1 GOL D . -3.19 -0.08 7.79
O1 GOL D . -3.64 0.85 8.75
C2 GOL D . -3.63 0.37 6.40
O2 GOL D . -2.69 -0.06 5.45
C3 GOL D . -5.00 -0.20 6.07
O3 GOL D . -5.47 0.34 4.86
H11 GOL D . -2.11 -0.16 7.84
H12 GOL D . -3.61 -1.06 8.01
HO1 GOL D . -3.42 0.53 9.65
H2 GOL D . -3.69 1.46 6.39
HO2 GOL D . -2.66 -1.04 5.44
H31 GOL D . -4.94 -1.28 6.00
H32 GOL D . -5.70 0.05 6.88
HO3 GOL D . -6.41 0.13 4.75
S1 DTT E . -7.98 -0.28 11.65
C1 DTT E . -8.86 -0.38 10.11
C2 DTT E . -9.74 -1.61 10.12
O2 DTT E . -9.37 -2.44 11.20
C3 DTT E . -9.62 -2.40 8.82
O3 DTT E . -9.97 -1.58 7.74
C4 DTT E . -8.23 -2.97 8.61
S4 DTT E . -7.86 -2.96 6.87
HS1 DTT E . -6.87 0.08 11.45
H11 DTT E . -9.42 0.42 10.01
H12 DTT E . -8.22 -0.43 9.38
H2 DTT E . -10.67 -1.34 10.23
HO2 DTT E . -8.49 -2.52 11.23
H3 DTT E . -10.26 -3.14 8.86
HO3 DTT E . -10.16 -2.07 7.03
H41 DTT E . -7.58 -2.42 9.08
H42 DTT E . -8.21 -3.89 8.94
HS2 DTT E . -6.80 -3.45 6.69
PA NAP F . 10.52 -1.74 -6.57
O1A NAP F . 10.29 -1.52 -8.02
O2A NAP F . 9.29 -2.35 -5.99
O5B NAP F . 11.82 -2.72 -6.37
C5B NAP F . 11.98 -3.40 -5.10
C4B NAP F . 12.59 -4.80 -5.35
O4B NAP F . 13.01 -5.32 -4.24
C3B NAP F . 11.48 -5.73 -5.89
O3B NAP F . 11.93 -6.45 -6.97
C2B NAP F . 11.19 -6.67 -4.72
O2B NAP F . 10.63 -7.96 -5.21
C1B NAP F . 12.36 -6.81 -4.17
N9A NAP F . 12.25 -7.24 -2.84
C8A NAP F . 11.68 -6.65 -1.77
N7A NAP F . 11.83 -7.48 -0.72
C5A NAP F . 12.49 -8.58 -1.14
C6A NAP F . 12.91 -9.72 -0.48
N6A NAP F . 12.78 -10.11 0.86
N1A NAP F . 13.57 -10.70 -1.15
C2A NAP F . 13.83 -10.55 -2.48
N3A NAP F . 13.42 -9.43 -3.13
C4A NAP F . 12.76 -8.44 -2.45
O3 NAP F . 10.81 -0.36 -5.85
PN NAP F . 11.88 0.72 -6.40
O1N NAP F . 11.18 2.04 -6.60
O2N NAP F . 12.47 0.23 -7.70
O5D NAP F . 13.02 0.91 -5.35
C5D NAP F . 14.23 0.15 -5.51
C4D NAP F . 15.29 0.73 -4.55
O4D NAP F . 15.37 2.03 -4.72
C3D NAP F . 14.84 0.52 -3.10
O3D NAP F . 15.90 0.31 -2.29
C2D NAP F . 14.14 1.86 -2.75
O2D NAP F . 14.10 2.03 -1.26
C1D NAP F . 14.93 2.72 -3.32
N1N NAP F . 14.33 3.97 -3.60
C2N NAP F . 13.37 4.10 -4.56
C3N NAP F . 12.80 5.35 -4.82
C7N NAP F . 11.69 5.50 -5.91
O7N NAP F . 11.04 6.53 -5.98
N7N NAP F . 11.43 4.40 -6.84
C4N NAP F . 13.23 6.46 -4.13
C5N NAP F . 14.21 6.32 -3.18
C6N NAP F . 14.75 5.08 -2.92
P2B NAP F . 9.15 -8.38 -4.78
O1X NAP F . 8.13 -7.34 -5.30
O2X NAP F . 9.05 -8.43 -3.28
O3X NAP F . 8.81 -9.74 -5.37
H51A NAP F . 12.57 -2.90 -4.54
H52A NAP F . 11.12 -3.51 -4.68
H4B NAP F . 13.34 -4.74 -6.01
H3B NAP F . 10.66 -5.21 -6.14
HO3A NAP F . 12.81 -6.55 -6.90
H2B NAP F . 10.55 -6.24 -4.08
H1B NAP F . 12.90 -7.45 -4.69
H8A NAP F . 11.22 -5.75 -1.77
H61A NAP F . 12.17 -9.71 1.40
H62A NAP F . 13.32 -10.78 1.20
H2A NAP F . 14.31 -11.26 -2.96
H51N NAP F . 14.55 0.21 -6.44
H52N NAP F . 14.07 -0.80 -5.27
H4D NAP F . 16.14 0.32 -4.70
H3D NAP F . 14.20 -0.22 -3.05
HO3N NAP F . 16.51 -0.17 -2.73
H2D NAP F . 13.26 1.90 -3.13
HO2N NAP F . 13.26 2.01 -0.99
H1D NAP F . 15.75 2.86 -2.74
H2N NAP F . 13.07 3.31 -5.05
H71N NAP F . 10.78 4.47 -7.49
H72N NAP F . 11.92 3.63 -6.79
H4N NAP F . 12.85 7.30 -4.30
H5N NAP F . 14.51 7.12 -2.67
H6N NAP F . 15.44 4.99 -2.25
C1 GOL G . 4.03 4.81 -0.06
O1 GOL G . 3.02 5.65 0.45
C2 GOL G . 5.33 5.05 0.69
O2 GOL G . 6.24 4.01 0.40
C3 GOL G . 5.92 6.39 0.27
O3 GOL G . 5.01 7.42 0.56
H11 GOL G . 3.73 3.77 0.04
H12 GOL G . 4.18 5.02 -1.12
HO1 GOL G . 2.20 5.54 -0.08
H2 GOL G . 5.12 5.08 1.76
HO2 GOL G . 6.44 4.01 -0.56
H31 GOL G . 6.86 6.56 0.81
H32 GOL G . 6.14 6.38 -0.79
HO3 GOL G . 4.43 7.14 1.29
S1 DTT H . 9.54 10.40 0.66
C1 DTT H . 9.22 9.22 -0.63
C2 DTT H . 10.55 8.63 -1.08
O2 DTT H . 11.24 9.64 -1.78
C3 DTT H . 10.45 7.44 -2.02
O3 DTT H . 11.59 6.65 -1.77
C4 DTT H . 9.24 6.55 -1.83
S4 DTT H . 7.96 7.07 -2.94
HS1 DTT H . 8.55 10.60 1.27
H11 DTT H . 8.64 8.51 -0.29
H12 DTT H . 8.79 9.67 -1.39
H2 DTT H . 11.06 8.37 -0.29
HO2 DTT H . 10.74 9.92 -2.46
H3 DTT H . 10.48 7.76 -2.94
HO3 DTT H . 12.29 7.18 -1.61
H41 DTT H . 9.49 5.62 -2.02
H42 DTT H . 8.92 6.62 -0.91
HS2 DTT H . 7.63 6.15 -3.61
#